data_7T1G
#
_entry.id   7T1G
#
_cell.length_a   50.200
_cell.length_b   52.460
_cell.length_c   69.360
_cell.angle_alpha   71.730
_cell.angle_beta   85.980
_cell.angle_gamma   64.660
#
_symmetry.space_group_name_H-M   'P 1'
#
loop_
_entity.id
_entity.type
_entity.pdbx_description
1 polymer 'Pantothenate kinase CAB1'
2 non-polymer (8S)-N~2~-[(4-tert-butylphenyl)methyl]-N~7~,N~7~-dimethyl-5-[(morpholin-4-yl)methyl][1,2,4]triazolo[1,5-a]pyrimidine-2,7-diamine
3 water water
#
_entity_poly.entity_id   1
_entity_poly.type   'polypeptide(L)'
_entity_poly.pdbx_seq_one_letter_code
;MAHHHHHHMPRITQEISYNCDYGDNTFNLAIDIGGTLAKVVFSPIHSNRLMFYTIETEKIDKFMELLHSIIKEHNNGCYR
MTHIIATGGGAFKFYDLLYENFPQIKGISRFEEMEGLIHGLDFFIHEIPDEVFTYNDQDGERIIPTSSGTMDSKAIYPYL
LVNIGSGVSILKVTEPNNFSRVGGSSLGGGTLWGLLSLITGAQTYDQMLDWAQEGDNSSVDMLVGDIYGTDYNKIGLKSS
AIASSFGKVFQNRMTSNKSLENNENKLYSSHESIEKNNGQMFKNPDICKSLLFAISNNIGQIAYLQAKINNIQNIYFGGS
YTRGHLTTMNTLSYAINFWSQGSKQAFFLKHEGYLGAMGAFLSASRHSSTKKTST
;
_entity_poly.pdbx_strand_id   A,B
#
loop_
_chem_comp.id
_chem_comp.type
_chem_comp.name
_chem_comp.formula
E66 non-polymer (8S)-N~2~-[(4-tert-butylphenyl)methyl]-N~7~,N~7~-dimethyl-5-[(morpholin-4-yl)methyl][1,2,4]triazolo[1,5-a]pyrimidine-2,7-diamine 'C23 H33 N7 O'
#
# COMPACT_ATOMS: atom_id res chain seq x y z
N GLN A 14 -19.42 17.57 -17.81
CA GLN A 14 -18.32 17.73 -18.83
C GLN A 14 -18.71 16.96 -20.08
N GLU A 15 -19.78 17.46 -20.72
CA GLU A 15 -20.52 16.72 -21.72
C GLU A 15 -19.64 16.56 -22.94
N ILE A 16 -19.97 15.53 -23.74
CA ILE A 16 -19.26 15.18 -24.95
C ILE A 16 -20.27 15.21 -26.09
N SER A 17 -19.80 15.65 -27.26
CA SER A 17 -20.58 15.56 -28.47
C SER A 17 -20.44 14.15 -29.02
N TYR A 18 -21.54 13.50 -29.35
CA TYR A 18 -21.42 12.19 -30.00
C TYR A 18 -22.75 11.85 -30.64
N ASN A 19 -22.69 11.24 -31.82
CA ASN A 19 -23.90 10.99 -32.58
C ASN A 19 -24.47 9.66 -32.11
N CYS A 20 -25.52 9.73 -31.29
CA CYS A 20 -25.99 8.48 -30.72
C CYS A 20 -27.08 7.89 -31.61
N ASP A 21 -27.24 6.58 -31.52
CA ASP A 21 -28.40 5.96 -32.13
C ASP A 21 -29.49 5.94 -31.06
N TYR A 22 -30.59 6.68 -31.28
CA TYR A 22 -31.64 6.78 -30.26
C TYR A 22 -32.67 5.67 -30.33
N GLY A 23 -32.62 4.80 -31.35
CA GLY A 23 -33.48 3.62 -31.35
C GLY A 23 -34.96 3.99 -31.24
N ASP A 24 -35.70 3.27 -30.37
CA ASP A 24 -37.11 3.49 -30.12
C ASP A 24 -37.32 4.69 -29.19
N ASN A 25 -36.25 5.43 -28.87
CA ASN A 25 -36.32 6.70 -28.16
C ASN A 25 -36.44 6.50 -26.64
N THR A 26 -36.19 5.27 -26.17
CA THR A 26 -36.04 5.00 -24.74
C THR A 26 -34.94 5.90 -24.18
N PHE A 27 -35.15 6.48 -22.99
CA PHE A 27 -34.14 7.32 -22.37
C PHE A 27 -33.32 6.44 -21.44
N ASN A 28 -32.06 6.23 -21.81
CA ASN A 28 -31.20 5.30 -21.09
C ASN A 28 -30.39 6.08 -20.06
N LEU A 29 -30.63 5.73 -18.80
CA LEU A 29 -29.98 6.39 -17.67
C LEU A 29 -29.06 5.38 -16.97
N ALA A 30 -27.75 5.44 -17.24
CA ALA A 30 -26.85 4.43 -16.71
C ALA A 30 -26.26 4.93 -15.40
N ILE A 31 -26.21 4.04 -14.39
CA ILE A 31 -25.64 4.43 -13.11
CA ILE A 31 -25.63 4.44 -13.12
C ILE A 31 -24.60 3.39 -12.69
N ASP A 32 -23.40 3.85 -12.36
CA ASP A 32 -22.36 3.03 -11.77
C ASP A 32 -22.34 3.38 -10.29
N ILE A 33 -22.72 2.41 -9.44
CA ILE A 33 -22.81 2.64 -8.01
C ILE A 33 -21.67 1.88 -7.36
N GLY A 34 -20.78 2.61 -6.69
CA GLY A 34 -19.67 1.95 -6.02
C GLY A 34 -19.84 1.99 -4.50
N GLY A 35 -18.74 1.70 -3.78
CA GLY A 35 -18.72 1.81 -2.34
C GLY A 35 -19.10 3.21 -1.87
N THR A 36 -18.62 4.25 -2.57
CA THR A 36 -18.70 5.64 -2.12
C THR A 36 -19.50 6.51 -3.09
N LEU A 37 -19.32 6.36 -4.40
CA LEU A 37 -19.90 7.34 -5.34
C LEU A 37 -20.81 6.66 -6.37
N ALA A 38 -21.77 7.44 -6.90
CA ALA A 38 -22.68 7.05 -7.95
C ALA A 38 -22.38 7.95 -9.14
N LYS A 39 -22.13 7.33 -10.29
CA LYS A 39 -21.73 8.08 -11.49
C LYS A 39 -22.77 7.79 -12.56
N VAL A 40 -23.32 8.85 -13.18
CA VAL A 40 -24.50 8.75 -14.01
CA VAL A 40 -24.47 8.68 -14.03
C VAL A 40 -24.10 9.21 -15.41
N VAL A 41 -24.57 8.48 -16.44
CA VAL A 41 -24.33 8.85 -17.82
C VAL A 41 -25.69 8.78 -18.51
N PHE A 42 -26.03 9.81 -19.31
CA PHE A 42 -27.28 9.79 -20.08
C PHE A 42 -27.14 10.69 -21.31
N SER A 43 -28.06 10.56 -22.28
CA SER A 43 -28.14 11.42 -23.44
C SER A 43 -29.61 11.78 -23.72
N PRO A 44 -30.04 13.06 -23.54
CA PRO A 44 -31.40 13.47 -23.88
C PRO A 44 -31.66 13.06 -25.33
N ILE A 45 -32.89 12.68 -25.64
CA ILE A 45 -33.20 12.16 -26.98
C ILE A 45 -32.89 13.21 -28.04
N HIS A 46 -32.15 12.80 -29.10
CA HIS A 46 -31.77 13.60 -30.26
C HIS A 46 -30.81 14.73 -29.92
N SER A 47 -30.26 14.75 -28.71
CA SER A 47 -29.33 15.80 -28.34
C SER A 47 -27.96 15.57 -28.98
N ASN A 48 -27.56 14.31 -29.17
CA ASN A 48 -26.17 13.98 -29.50
C ASN A 48 -25.22 14.52 -28.43
N ARG A 49 -25.70 14.61 -27.18
CA ARG A 49 -24.77 14.99 -26.12
C ARG A 49 -24.75 13.88 -25.07
N LEU A 50 -23.55 13.53 -24.62
CA LEU A 50 -23.40 12.60 -23.53
C LEU A 50 -23.16 13.44 -22.30
N MET A 51 -23.93 13.22 -21.23
CA MET A 51 -23.79 14.04 -20.04
C MET A 51 -23.45 13.13 -18.87
N PHE A 52 -22.85 13.69 -17.79
CA PHE A 52 -22.12 12.98 -16.75
C PHE A 52 -22.28 13.69 -15.41
N TYR A 53 -22.69 12.95 -14.37
CA TYR A 53 -22.77 13.56 -13.05
C TYR A 53 -22.32 12.53 -12.04
N THR A 54 -21.79 13.01 -10.91
CA THR A 54 -21.38 12.16 -9.80
C THR A 54 -22.02 12.70 -8.53
N ILE A 55 -22.46 11.79 -7.66
CA ILE A 55 -23.02 12.19 -6.37
C ILE A 55 -22.66 11.12 -5.35
N GLU A 56 -22.51 11.49 -4.07
CA GLU A 56 -22.21 10.47 -3.08
C GLU A 56 -23.47 9.65 -2.88
N THR A 57 -23.31 8.40 -2.45
CA THR A 57 -24.45 7.52 -2.27
C THR A 57 -25.01 7.62 -0.85
N GLU A 58 -24.32 8.41 -0.01
CA GLU A 58 -24.59 8.40 1.41
C GLU A 58 -26.00 8.90 1.71
N LYS A 59 -26.40 10.02 1.09
CA LYS A 59 -27.76 10.53 1.27
C LYS A 59 -28.60 10.03 0.11
N ILE A 60 -29.32 8.93 0.33
CA ILE A 60 -30.14 8.22 -0.63
C ILE A 60 -31.11 9.21 -1.27
N ASP A 61 -31.79 9.97 -0.43
CA ASP A 61 -32.73 10.97 -0.94
C ASP A 61 -32.06 11.86 -1.99
N LYS A 62 -30.79 12.26 -1.74
CA LYS A 62 -30.08 13.16 -2.64
C LYS A 62 -29.81 12.45 -3.96
N PHE A 63 -29.35 11.21 -3.86
CA PHE A 63 -28.99 10.41 -5.02
C PHE A 63 -30.23 10.17 -5.88
N MET A 64 -31.27 9.60 -5.26
CA MET A 64 -32.54 9.34 -5.92
C MET A 64 -33.12 10.63 -6.47
N GLU A 65 -32.98 11.72 -5.71
CA GLU A 65 -33.52 12.98 -6.18
C GLU A 65 -32.84 13.46 -7.46
N LEU A 66 -31.52 13.24 -7.59
CA LEU A 66 -30.81 13.65 -8.80
C LEU A 66 -31.36 12.89 -10.02
N LEU A 67 -31.56 11.57 -9.84
CA LEU A 67 -32.13 10.77 -10.92
C LEU A 67 -33.49 11.29 -11.34
N HIS A 68 -34.29 11.73 -10.34
CA HIS A 68 -35.63 12.23 -10.59
C HIS A 68 -35.55 13.49 -11.45
N SER A 69 -34.66 14.42 -11.03
CA SER A 69 -34.42 15.70 -11.68
C SER A 69 -33.91 15.50 -13.11
N ILE A 70 -33.04 14.50 -13.32
CA ILE A 70 -32.55 14.26 -14.66
C ILE A 70 -33.72 13.84 -15.57
N ILE A 71 -34.57 12.91 -15.09
CA ILE A 71 -35.72 12.48 -15.87
C ILE A 71 -36.61 13.68 -16.21
N LYS A 72 -36.87 14.55 -15.21
CA LYS A 72 -37.73 15.73 -15.36
C LYS A 72 -37.08 16.78 -16.26
N GLU A 73 -35.79 17.04 -16.08
CA GLU A 73 -35.13 18.12 -16.81
C GLU A 73 -34.77 17.68 -18.24
N HIS A 74 -34.41 16.41 -18.44
CA HIS A 74 -33.78 16.03 -19.70
C HIS A 74 -34.58 14.96 -20.45
N ASN A 75 -35.64 14.43 -19.84
CA ASN A 75 -36.51 13.52 -20.58
C ASN A 75 -37.97 13.93 -20.40
N ASN A 76 -38.18 15.22 -20.08
CA ASN A 76 -39.48 15.86 -20.03
C ASN A 76 -40.45 15.10 -19.11
N GLY A 77 -39.92 14.51 -18.03
CA GLY A 77 -40.75 13.87 -17.03
C GLY A 77 -41.26 12.50 -17.49
N CYS A 78 -40.70 11.99 -18.59
CA CYS A 78 -41.28 10.77 -19.13
C CYS A 78 -40.64 9.54 -18.49
N TYR A 79 -41.22 9.08 -17.38
CA TYR A 79 -40.74 7.93 -16.63
C TYR A 79 -40.94 6.66 -17.43
N ARG A 80 -42.04 6.60 -18.18
CA ARG A 80 -42.49 5.37 -18.81
C ARG A 80 -41.59 5.02 -19.98
N MET A 81 -40.76 5.97 -20.44
CA MET A 81 -39.82 5.58 -21.47
C MET A 81 -38.36 5.64 -20.97
N THR A 82 -38.18 5.61 -19.64
CA THR A 82 -36.85 5.63 -19.06
C THR A 82 -36.40 4.22 -18.69
N HIS A 83 -35.19 3.87 -19.12
CA HIS A 83 -34.60 2.64 -18.66
C HIS A 83 -33.38 2.98 -17.82
N ILE A 84 -33.38 2.49 -16.57
CA ILE A 84 -32.23 2.65 -15.69
C ILE A 84 -31.40 1.35 -15.82
N ILE A 85 -30.10 1.49 -16.10
CA ILE A 85 -29.21 0.32 -16.08
C ILE A 85 -28.14 0.62 -15.04
N ALA A 86 -28.04 -0.29 -14.07
CA ALA A 86 -27.15 -0.13 -12.93
C ALA A 86 -25.94 -1.06 -13.10
N THR A 87 -24.76 -0.51 -12.83
CA THR A 87 -23.52 -1.28 -12.81
C THR A 87 -22.77 -0.90 -11.53
N GLY A 88 -21.52 -1.37 -11.44
CA GLY A 88 -20.70 -1.18 -10.26
C GLY A 88 -21.10 -2.20 -9.21
N GLY A 89 -20.31 -2.32 -8.14
CA GLY A 89 -20.61 -3.26 -7.07
C GLY A 89 -21.96 -3.03 -6.40
N GLY A 90 -22.45 -1.78 -6.42
CA GLY A 90 -23.66 -1.40 -5.71
C GLY A 90 -24.94 -1.59 -6.52
N ALA A 91 -24.81 -2.11 -7.76
CA ALA A 91 -25.96 -2.40 -8.61
C ALA A 91 -26.89 -3.40 -7.91
N PHE A 92 -26.29 -4.35 -7.16
CA PHE A 92 -27.02 -5.40 -6.47
C PHE A 92 -27.69 -4.81 -5.23
N LYS A 93 -26.89 -4.10 -4.41
CA LYS A 93 -27.31 -3.61 -3.12
C LYS A 93 -28.45 -2.60 -3.25
N PHE A 94 -28.46 -1.81 -4.34
CA PHE A 94 -29.36 -0.67 -4.50
C PHE A 94 -30.52 -0.98 -5.44
N TYR A 95 -30.60 -2.23 -5.88
CA TYR A 95 -31.61 -2.59 -6.85
C TYR A 95 -33.01 -2.33 -6.29
N ASP A 96 -33.23 -2.68 -5.01
CA ASP A 96 -34.55 -2.49 -4.42
C ASP A 96 -34.87 -1.02 -4.18
N LEU A 97 -33.84 -0.23 -3.81
CA LEU A 97 -34.06 1.20 -3.63
C LEU A 97 -34.51 1.81 -4.96
N LEU A 98 -33.89 1.36 -6.06
CA LEU A 98 -34.23 1.94 -7.35
C LEU A 98 -35.66 1.57 -7.73
N TYR A 99 -36.02 0.31 -7.53
CA TYR A 99 -37.35 -0.16 -7.89
C TYR A 99 -38.41 0.63 -7.12
N GLU A 100 -38.17 0.86 -5.82
CA GLU A 100 -39.19 1.48 -4.98
C GLU A 100 -39.32 2.95 -5.35
N ASN A 101 -38.20 3.56 -5.78
CA ASN A 101 -38.16 4.95 -6.22
C ASN A 101 -38.77 5.14 -7.61
N PHE A 102 -38.71 4.12 -8.47
CA PHE A 102 -39.11 4.37 -9.85
C PHE A 102 -40.15 3.35 -10.26
N PRO A 103 -41.31 3.25 -9.55
CA PRO A 103 -42.34 2.26 -9.88
C PRO A 103 -42.81 2.34 -11.34
N GLN A 104 -42.76 3.54 -11.96
CA GLN A 104 -43.44 3.75 -13.23
C GLN A 104 -42.52 3.75 -14.46
N ILE A 105 -41.29 3.25 -14.33
CA ILE A 105 -40.36 3.40 -15.44
C ILE A 105 -40.43 2.19 -16.34
N LYS A 106 -39.79 2.28 -17.51
CA LYS A 106 -39.85 1.25 -18.53
C LYS A 106 -39.17 -0.02 -18.04
N GLY A 107 -37.96 0.08 -17.50
CA GLY A 107 -37.30 -1.05 -16.88
C GLY A 107 -36.05 -0.63 -16.09
N ILE A 108 -35.57 -1.58 -15.27
CA ILE A 108 -34.31 -1.53 -14.56
C ILE A 108 -33.55 -2.82 -14.86
N SER A 109 -32.30 -2.69 -15.30
CA SER A 109 -31.49 -3.86 -15.56
C SER A 109 -30.12 -3.66 -14.89
N ARG A 110 -29.31 -4.73 -14.93
CA ARG A 110 -27.97 -4.71 -14.34
C ARG A 110 -26.96 -5.10 -15.39
N PHE A 111 -25.76 -4.54 -15.26
CA PHE A 111 -24.72 -4.85 -16.20
C PHE A 111 -23.50 -5.22 -15.37
N GLU A 112 -22.84 -6.33 -15.71
CA GLU A 112 -21.67 -6.78 -14.97
C GLU A 112 -20.59 -5.66 -14.98
N GLU A 113 -19.90 -5.54 -13.85
CA GLU A 113 -19.03 -4.43 -13.53
C GLU A 113 -17.82 -4.39 -14.47
N MET A 114 -17.22 -5.57 -14.71
CA MET A 114 -16.03 -5.69 -15.55
C MET A 114 -16.37 -5.34 -17.00
N GLU A 115 -17.39 -5.96 -17.56
CA GLU A 115 -17.79 -5.61 -18.92
C GLU A 115 -18.09 -4.12 -19.02
N GLY A 116 -18.78 -3.60 -18.02
CA GLY A 116 -19.04 -2.17 -17.96
C GLY A 116 -17.75 -1.36 -18.13
N LEU A 117 -16.78 -1.61 -17.24
CA LEU A 117 -15.56 -0.78 -17.23
C LEU A 117 -14.89 -0.87 -18.60
N ILE A 118 -14.82 -2.08 -19.14
CA ILE A 118 -13.99 -2.29 -20.32
C ILE A 118 -14.75 -1.82 -21.55
N HIS A 119 -16.06 -2.01 -21.54
CA HIS A 119 -16.78 -1.52 -22.71
C HIS A 119 -16.68 0.01 -22.74
N GLY A 120 -16.79 0.60 -21.56
CA GLY A 120 -16.74 2.04 -21.42
C GLY A 120 -15.38 2.60 -21.78
N LEU A 121 -14.33 1.94 -21.26
CA LEU A 121 -12.98 2.39 -21.59
C LEU A 121 -12.68 2.27 -23.10
N ASP A 122 -13.02 1.13 -23.71
CA ASP A 122 -12.65 0.95 -25.10
C ASP A 122 -13.40 1.97 -25.94
N PHE A 123 -14.63 2.25 -25.53
CA PHE A 123 -15.41 3.27 -26.22
C PHE A 123 -14.70 4.64 -26.16
N PHE A 124 -14.24 5.04 -24.96
CA PHE A 124 -13.54 6.31 -24.79
C PHE A 124 -12.25 6.38 -25.62
N ILE A 125 -11.48 5.29 -25.60
CA ILE A 125 -10.21 5.17 -26.32
C ILE A 125 -10.42 5.32 -27.83
N HIS A 126 -11.42 4.64 -28.36
CA HIS A 126 -11.58 4.53 -29.81
C HIS A 126 -12.38 5.69 -30.41
N GLU A 127 -13.27 6.32 -29.64
CA GLU A 127 -14.32 7.14 -30.23
C GLU A 127 -14.22 8.60 -29.78
N ILE A 128 -13.63 8.88 -28.61
CA ILE A 128 -13.77 10.20 -28.05
C ILE A 128 -12.43 10.94 -28.13
N PRO A 129 -12.39 12.10 -28.83
CA PRO A 129 -11.14 12.84 -29.00
C PRO A 129 -10.81 13.59 -27.71
N ASP A 130 -9.50 13.83 -27.52
CA ASP A 130 -8.94 14.60 -26.42
C ASP A 130 -9.35 13.99 -25.07
N GLU A 131 -9.47 12.67 -25.03
CA GLU A 131 -9.94 12.01 -23.82
C GLU A 131 -8.79 11.36 -23.04
N VAL A 132 -7.82 10.78 -23.77
CA VAL A 132 -6.69 10.06 -23.19
C VAL A 132 -5.47 10.98 -23.15
N PHE A 133 -4.78 11.01 -22.01
CA PHE A 133 -3.63 11.92 -21.90
C PHE A 133 -2.57 11.36 -20.96
N THR A 134 -1.29 11.68 -21.27
CA THR A 134 -0.23 11.50 -20.29
C THR A 134 -0.08 12.79 -19.46
N TYR A 135 0.51 12.71 -18.26
CA TYR A 135 0.80 13.91 -17.47
C TYR A 135 1.98 13.66 -16.53
N ASN A 136 2.94 14.60 -16.51
CA ASN A 136 3.94 14.71 -15.46
C ASN A 136 4.40 16.16 -15.36
N ASP A 137 5.05 16.50 -14.24
CA ASP A 137 5.42 17.87 -13.92
C ASP A 137 6.40 18.47 -14.93
N GLN A 138 7.24 17.63 -15.54
CA GLN A 138 8.23 18.02 -16.53
C GLN A 138 7.59 18.25 -17.89
N ASP A 139 6.73 17.32 -18.34
CA ASP A 139 6.25 17.37 -19.71
C ASP A 139 4.92 18.10 -19.86
N GLY A 140 4.24 18.38 -18.74
CA GLY A 140 2.85 18.81 -18.86
C GLY A 140 1.95 17.69 -19.41
N GLU A 141 0.77 18.09 -19.89
CA GLU A 141 -0.25 17.18 -20.37
C GLU A 141 -0.01 16.96 -21.85
N ARG A 142 -0.13 15.72 -22.32
CA ARG A 142 -0.07 15.43 -23.74
C ARG A 142 -1.28 14.57 -24.08
N ILE A 143 -2.13 15.06 -24.99
CA ILE A 143 -3.27 14.31 -25.50
C ILE A 143 -2.74 13.17 -26.37
N ILE A 144 -3.19 11.95 -26.11
CA ILE A 144 -2.85 10.85 -26.99
C ILE A 144 -4.01 10.65 -27.96
N PRO A 145 -3.76 10.77 -29.30
CA PRO A 145 -4.83 10.62 -30.29
C PRO A 145 -5.19 9.16 -30.56
N THR A 146 -5.90 8.52 -29.63
CA THR A 146 -6.21 7.11 -29.73
C THR A 146 -7.44 6.90 -30.61
N SER A 147 -8.32 7.90 -30.66
CA SER A 147 -9.52 7.70 -31.47
C SER A 147 -9.25 7.92 -32.97
N SER A 148 -7.98 8.07 -33.37
CA SER A 148 -7.57 7.94 -34.76
C SER A 148 -7.78 6.50 -35.25
N ASP A 152 -4.79 1.41 -34.58
CA ASP A 152 -5.32 0.05 -34.83
C ASP A 152 -5.20 -0.80 -33.57
N SER A 153 -5.50 -2.10 -33.73
CA SER A 153 -5.53 -3.11 -32.68
C SER A 153 -4.18 -3.20 -31.98
N LYS A 154 -3.10 -3.24 -32.77
CA LYS A 154 -1.80 -3.53 -32.16
C LYS A 154 -1.25 -2.31 -31.44
N ALA A 155 -1.72 -1.11 -31.78
CA ALA A 155 -1.26 0.08 -31.08
C ALA A 155 -1.91 0.21 -29.69
N ILE A 156 -3.17 -0.23 -29.55
CA ILE A 156 -3.96 0.07 -28.35
C ILE A 156 -3.83 -1.05 -27.31
N TYR A 157 -3.87 -2.30 -27.79
CA TYR A 157 -3.82 -3.46 -26.93
C TYR A 157 -2.42 -4.11 -26.97
N PRO A 158 -1.97 -4.80 -25.89
CA PRO A 158 -2.79 -5.02 -24.68
C PRO A 158 -2.66 -3.80 -23.74
N TYR A 159 -3.57 -3.70 -22.77
CA TYR A 159 -3.48 -2.65 -21.77
C TYR A 159 -4.01 -3.13 -20.42
N LEU A 160 -3.71 -2.35 -19.40
CA LEU A 160 -4.20 -2.63 -18.07
C LEU A 160 -5.09 -1.46 -17.67
N LEU A 161 -6.25 -1.75 -17.07
CA LEU A 161 -7.00 -0.69 -16.40
C LEU A 161 -6.83 -0.85 -14.89
N VAL A 162 -6.33 0.20 -14.25
CA VAL A 162 -6.31 0.32 -12.79
C VAL A 162 -7.45 1.23 -12.39
N ASN A 163 -8.54 0.61 -11.92
CA ASN A 163 -9.71 1.39 -11.60
C ASN A 163 -9.71 1.63 -10.09
N ILE A 164 -9.48 2.89 -9.69
CA ILE A 164 -9.37 3.23 -8.27
C ILE A 164 -10.68 3.84 -7.78
N GLY A 165 -11.40 3.16 -6.88
CA GLY A 165 -12.56 3.73 -6.21
C GLY A 165 -12.37 3.68 -4.70
N SER A 166 -13.24 2.92 -4.00
CA SER A 166 -12.99 2.57 -2.61
C SER A 166 -11.74 1.69 -2.47
N GLY A 167 -11.76 0.54 -3.18
CA GLY A 167 -10.59 -0.31 -3.35
C GLY A 167 -9.96 -0.06 -4.72
N VAL A 168 -9.15 -1.01 -5.20
CA VAL A 168 -8.51 -0.87 -6.50
C VAL A 168 -8.80 -2.14 -7.30
N SER A 169 -9.38 -1.99 -8.49
CA SER A 169 -9.56 -3.09 -9.43
C SER A 169 -8.54 -2.98 -10.56
N ILE A 170 -7.96 -4.12 -10.94
CA ILE A 170 -7.02 -4.18 -12.03
C ILE A 170 -7.53 -5.22 -13.02
N LEU A 171 -7.71 -4.76 -14.27
CA LEU A 171 -8.23 -5.59 -15.33
C LEU A 171 -7.22 -5.53 -16.47
N LYS A 172 -7.03 -6.65 -17.18
CA LYS A 172 -6.16 -6.60 -18.35
C LYS A 172 -7.01 -6.85 -19.60
N VAL A 173 -6.64 -6.18 -20.67
CA VAL A 173 -7.43 -6.27 -21.89
C VAL A 173 -6.44 -6.59 -23.00
N THR A 174 -6.58 -7.75 -23.64
CA THR A 174 -5.51 -8.20 -24.51
C THR A 174 -5.88 -7.85 -25.96
N GLU A 175 -7.19 -7.74 -26.23
CA GLU A 175 -7.71 -7.38 -27.53
C GLU A 175 -9.21 -7.12 -27.36
N PRO A 176 -9.92 -6.62 -28.40
CA PRO A 176 -11.35 -6.40 -28.31
C PRO A 176 -12.05 -7.63 -27.71
N ASN A 177 -12.85 -7.41 -26.66
CA ASN A 177 -13.75 -8.43 -26.13
C ASN A 177 -12.99 -9.48 -25.32
N ASN A 178 -11.71 -9.22 -25.09
CA ASN A 178 -10.90 -10.22 -24.40
C ASN A 178 -10.27 -9.59 -23.16
N PHE A 179 -10.90 -9.79 -22.00
CA PHE A 179 -10.46 -9.06 -20.81
C PHE A 179 -10.74 -9.92 -19.60
N SER A 180 -9.98 -9.65 -18.51
CA SER A 180 -10.11 -10.43 -17.30
C SER A 180 -9.62 -9.60 -16.12
N ARG A 181 -10.01 -10.02 -14.92
CA ARG A 181 -9.55 -9.40 -13.70
C ARG A 181 -8.25 -10.06 -13.27
N VAL A 182 -7.30 -9.24 -12.83
CA VAL A 182 -6.10 -9.71 -12.13
C VAL A 182 -6.15 -9.16 -10.69
N GLY A 183 -5.32 -9.62 -9.79
CA GLY A 183 -5.52 -9.19 -8.41
C GLY A 183 -5.43 -7.66 -8.19
N GLY A 184 -6.39 -7.12 -7.43
CA GLY A 184 -6.45 -5.71 -7.06
C GLY A 184 -5.86 -5.44 -5.68
N SER A 185 -6.33 -4.39 -5.02
CA SER A 185 -5.79 -4.03 -3.71
C SER A 185 -6.92 -3.47 -2.86
N SER A 186 -6.85 -3.68 -1.52
CA SER A 186 -7.78 -2.99 -0.64
C SER A 186 -7.32 -1.56 -0.25
N LEU A 187 -6.10 -1.14 -0.63
CA LEU A 187 -5.59 0.19 -0.29
CA LEU A 187 -5.59 0.20 -0.30
C LEU A 187 -5.90 1.15 -1.45
N GLY A 188 -7.11 1.71 -1.44
CA GLY A 188 -7.49 2.56 -2.55
C GLY A 188 -7.92 3.93 -2.05
N GLY A 189 -8.78 4.56 -2.86
CA GLY A 189 -9.22 5.92 -2.54
C GLY A 189 -9.94 5.96 -1.20
N GLY A 190 -10.65 4.88 -0.86
CA GLY A 190 -11.39 4.81 0.40
C GLY A 190 -10.44 4.80 1.58
N THR A 191 -9.25 4.21 1.36
CA THR A 191 -8.24 4.15 2.42
C THR A 191 -7.65 5.53 2.64
N LEU A 192 -7.23 6.17 1.54
CA LEU A 192 -6.71 7.52 1.57
C LEU A 192 -7.74 8.45 2.20
N TRP A 193 -9.00 8.39 1.72
CA TRP A 193 -10.07 9.24 2.25
C TRP A 193 -10.36 8.94 3.73
N GLY A 194 -10.53 7.65 4.07
CA GLY A 194 -10.80 7.25 5.45
C GLY A 194 -9.76 7.80 6.44
N LEU A 195 -8.49 7.57 6.15
CA LEU A 195 -7.38 7.89 7.04
C LEU A 195 -7.31 9.40 7.19
N LEU A 196 -7.38 10.16 6.07
CA LEU A 196 -7.15 11.59 6.17
C LEU A 196 -8.36 12.29 6.77
N SER A 197 -9.54 11.79 6.45
CA SER A 197 -10.76 12.26 7.10
C SER A 197 -10.63 12.20 8.63
N LEU A 198 -10.29 11.02 9.16
CA LEU A 198 -10.19 10.81 10.60
C LEU A 198 -9.01 11.59 11.18
N ILE A 199 -7.85 11.58 10.51
CA ILE A 199 -6.66 12.17 11.09
C ILE A 199 -6.71 13.70 11.00
N THR A 200 -7.10 14.24 9.84
CA THR A 200 -6.88 15.67 9.61
C THR A 200 -8.17 16.48 9.78
N GLY A 201 -9.33 15.79 9.83
CA GLY A 201 -10.59 16.50 9.86
C GLY A 201 -11.04 17.00 8.48
N ALA A 202 -10.22 16.78 7.44
CA ALA A 202 -10.56 17.31 6.12
C ALA A 202 -11.98 16.89 5.73
N GLN A 203 -12.75 17.82 5.17
CA GLN A 203 -14.19 17.68 5.04
C GLN A 203 -14.54 17.06 3.69
N THR A 204 -13.71 17.32 2.65
CA THR A 204 -13.93 16.79 1.31
C THR A 204 -12.60 16.29 0.72
N TYR A 205 -12.70 15.44 -0.31
CA TYR A 205 -11.54 14.90 -1.00
C TYR A 205 -10.75 16.01 -1.67
N ASP A 206 -11.47 16.97 -2.28
CA ASP A 206 -10.87 18.15 -2.89
C ASP A 206 -10.04 18.97 -1.90
N GLN A 207 -10.52 19.09 -0.65
CA GLN A 207 -9.78 19.77 0.41
C GLN A 207 -8.51 18.98 0.79
N MET A 208 -8.61 17.65 0.82
CA MET A 208 -7.45 16.84 1.16
C MET A 208 -6.38 17.05 0.10
N LEU A 209 -6.82 17.10 -1.17
CA LEU A 209 -5.88 17.30 -2.26
C LEU A 209 -5.24 18.68 -2.18
N ASP A 210 -6.01 19.72 -1.86
CA ASP A 210 -5.40 21.04 -1.71
C ASP A 210 -4.37 21.05 -0.58
N TRP A 211 -4.71 20.45 0.57
CA TRP A 211 -3.74 20.36 1.66
C TRP A 211 -2.52 19.55 1.25
N ALA A 212 -2.72 18.47 0.48
CA ALA A 212 -1.60 17.62 0.08
C ALA A 212 -0.61 18.44 -0.74
N GLN A 213 -1.17 19.23 -1.67
CA GLN A 213 -0.45 20.10 -2.57
C GLN A 213 0.48 21.06 -1.82
N GLU A 214 0.07 21.55 -0.67
CA GLU A 214 0.84 22.56 0.03
C GLU A 214 1.83 21.89 0.98
N GLY A 215 1.68 20.59 1.21
CA GLY A 215 2.39 19.96 2.31
C GLY A 215 3.83 19.58 2.02
N ASP A 216 4.54 19.22 3.10
CA ASP A 216 5.87 18.64 3.01
C ASP A 216 5.85 17.28 3.73
N ASN A 217 5.87 16.17 2.97
CA ASN A 217 5.76 14.83 3.55
C ASN A 217 6.95 14.50 4.45
N SER A 218 8.11 15.11 4.17
CA SER A 218 9.33 14.76 4.89
C SER A 218 9.24 15.02 6.40
N SER A 219 8.23 15.78 6.86
CA SER A 219 8.15 15.96 8.30
C SER A 219 7.61 14.71 9.00
N VAL A 220 6.89 13.82 8.26
CA VAL A 220 6.38 12.62 8.91
C VAL A 220 6.92 11.35 8.24
N ASP A 221 7.46 11.44 7.02
CA ASP A 221 8.10 10.30 6.37
C ASP A 221 9.60 10.27 6.64
N MET A 222 10.17 9.07 6.74
CA MET A 222 11.62 8.94 6.71
C MET A 222 12.05 8.77 5.27
N LEU A 223 12.94 9.64 4.82
CA LEU A 223 13.51 9.48 3.49
C LEU A 223 14.80 8.66 3.58
N VAL A 224 15.21 8.16 2.42
CA VAL A 224 16.46 7.44 2.32
C VAL A 224 17.55 8.29 2.97
N GLY A 225 17.55 9.59 2.61
CA GLY A 225 18.42 10.61 3.18
C GLY A 225 18.42 10.59 4.72
N ASP A 226 17.26 10.37 5.36
CA ASP A 226 17.20 10.41 6.82
C ASP A 226 17.87 9.19 7.43
N ILE A 227 17.92 8.09 6.66
CA ILE A 227 18.40 6.84 7.23
C ILE A 227 19.89 6.71 6.90
N TYR A 228 20.22 6.91 5.62
CA TYR A 228 21.61 7.03 5.19
C TYR A 228 21.98 8.49 5.37
N GLY A 229 23.16 8.88 4.93
CA GLY A 229 23.31 10.33 4.90
C GLY A 229 23.15 10.92 3.49
N THR A 230 22.68 10.09 2.55
CA THR A 230 23.05 10.32 1.16
C THR A 230 22.21 9.42 0.27
N ASP A 231 22.50 9.48 -1.04
CA ASP A 231 21.94 8.54 -1.99
C ASP A 231 22.32 7.12 -1.53
N TYR A 232 21.46 6.16 -1.85
CA TYR A 232 21.87 4.78 -1.71
C TYR A 232 21.97 4.17 -3.11
N ASN A 233 23.08 4.50 -3.79
CA ASN A 233 23.10 4.32 -5.22
C ASN A 233 23.11 2.84 -5.59
N LYS A 234 23.64 1.97 -4.71
CA LYS A 234 23.73 0.53 -4.97
C LYS A 234 22.34 -0.09 -5.20
N ILE A 235 21.28 0.53 -4.68
CA ILE A 235 19.91 -0.01 -4.70
C ILE A 235 18.96 0.90 -5.51
N GLY A 236 19.51 1.95 -6.13
CA GLY A 236 18.82 2.76 -7.13
C GLY A 236 17.93 3.86 -6.55
N LEU A 237 18.23 4.33 -5.32
CA LEU A 237 17.33 5.28 -4.67
C LEU A 237 18.10 6.55 -4.26
N LYS A 238 17.52 7.70 -4.58
CA LYS A 238 18.03 9.02 -4.20
C LYS A 238 17.73 9.27 -2.73
N SER A 239 18.41 10.28 -2.15
CA SER A 239 18.22 10.56 -0.74
C SER A 239 16.78 11.01 -0.50
N SER A 240 16.12 11.55 -1.54
CA SER A 240 14.82 12.15 -1.32
C SER A 240 13.68 11.11 -1.46
N ALA A 241 13.99 9.90 -1.93
CA ALA A 241 13.03 8.81 -2.02
C ALA A 241 12.49 8.45 -0.64
N ILE A 242 11.21 8.05 -0.58
CA ILE A 242 10.58 7.71 0.68
C ILE A 242 10.96 6.26 1.04
N ALA A 243 11.51 6.08 2.25
CA ALA A 243 11.83 4.76 2.77
C ALA A 243 10.72 4.24 3.69
N SER A 244 10.15 5.11 4.52
CA SER A 244 9.03 4.69 5.34
C SER A 244 7.95 5.79 5.44
N SER A 245 6.80 5.52 4.82
CA SER A 245 5.67 6.42 4.92
C SER A 245 5.24 6.54 6.38
N PHE A 246 5.10 7.78 6.91
CA PHE A 246 4.68 7.97 8.30
C PHE A 246 5.68 7.40 9.31
N GLY A 247 6.90 7.10 8.83
CA GLY A 247 7.95 6.51 9.64
C GLY A 247 8.46 7.44 10.75
N LYS A 248 8.26 8.75 10.61
CA LYS A 248 8.75 9.66 11.63
C LYS A 248 7.78 9.78 12.80
N VAL A 249 6.57 9.19 12.66
CA VAL A 249 5.49 9.60 13.53
C VAL A 249 5.56 8.87 14.87
N PHE A 250 5.81 7.56 14.87
CA PHE A 250 5.74 6.84 16.15
C PHE A 250 6.72 7.49 17.14
N GLN A 251 8.01 7.52 16.80
CA GLN A 251 8.99 8.02 17.78
C GLN A 251 8.47 9.29 18.47
N ASN A 252 7.92 10.22 17.68
CA ASN A 252 7.54 11.51 18.19
C ASN A 252 6.15 11.41 18.85
N LYS A 266 -9.11 3.37 26.89
CA LYS A 266 -9.94 4.17 25.95
C LYS A 266 -10.31 3.27 24.77
N LEU A 267 -11.60 3.19 24.47
CA LEU A 267 -12.07 2.28 23.44
C LEU A 267 -12.13 3.00 22.10
N TYR A 268 -12.53 4.27 22.10
CA TYR A 268 -12.82 4.96 20.85
C TYR A 268 -11.79 6.04 20.55
N SER A 269 -11.55 6.28 19.24
CA SER A 269 -10.83 7.45 18.78
C SER A 269 -11.71 8.26 17.85
N SER A 270 -11.40 9.53 17.71
CA SER A 270 -12.10 10.34 16.74
C SER A 270 -11.14 11.42 16.27
N HIS A 271 -11.58 12.25 15.31
CA HIS A 271 -10.76 13.37 14.96
C HIS A 271 -10.47 14.19 16.22
N GLU A 272 -11.54 14.44 16.97
CA GLU A 272 -11.48 15.19 18.22
C GLU A 272 -10.34 14.71 19.14
N SER A 273 -10.35 13.41 19.52
CA SER A 273 -9.35 12.81 20.41
C SER A 273 -7.96 12.89 19.79
N ILE A 274 -7.90 12.77 18.46
CA ILE A 274 -6.61 12.74 17.81
C ILE A 274 -6.00 14.14 17.93
N GLU A 275 -6.87 15.15 18.02
CA GLU A 275 -6.41 16.54 18.03
C GLU A 275 -6.06 16.94 19.44
N LYS A 276 -6.88 16.54 20.42
CA LYS A 276 -6.66 16.85 21.83
C LYS A 276 -5.33 16.26 22.26
N ASN A 277 -5.06 15.02 21.81
CA ASN A 277 -3.90 14.27 22.29
C ASN A 277 -2.63 14.82 21.69
N ASN A 278 -2.70 15.45 20.50
CA ASN A 278 -1.51 15.59 19.69
C ASN A 278 -1.23 17.03 19.26
N GLY A 279 -2.25 17.90 19.37
CA GLY A 279 -2.14 19.28 18.93
C GLY A 279 -1.80 19.43 17.45
N GLN A 280 -0.63 20.04 17.20
CA GLN A 280 -0.14 20.40 15.87
C GLN A 280 1.34 20.05 15.79
N MET A 281 1.69 18.99 16.52
CA MET A 281 2.97 18.32 16.36
C MET A 281 3.10 17.84 14.92
N PHE A 282 1.98 17.35 14.37
CA PHE A 282 2.00 16.96 12.98
C PHE A 282 1.01 17.82 12.26
N LYS A 283 1.44 18.39 11.12
CA LYS A 283 0.65 19.36 10.38
C LYS A 283 -0.13 18.66 9.27
N ASN A 284 -1.36 19.14 9.10
CA ASN A 284 -2.37 18.54 8.26
C ASN A 284 -1.83 18.44 6.84
N PRO A 285 -1.29 19.53 6.22
CA PRO A 285 -0.80 19.45 4.83
C PRO A 285 0.27 18.36 4.65
N ASP A 286 1.09 18.16 5.68
CA ASP A 286 2.19 17.22 5.63
C ASP A 286 1.69 15.77 5.71
N ILE A 287 0.67 15.55 6.56
CA ILE A 287 0.00 14.26 6.69
C ILE A 287 -0.68 13.91 5.36
N CYS A 288 -1.27 14.92 4.70
CA CYS A 288 -2.08 14.69 3.50
C CYS A 288 -1.14 14.30 2.35
N LYS A 289 -0.04 15.06 2.18
CA LYS A 289 0.94 14.73 1.16
C LYS A 289 1.56 13.37 1.42
N SER A 290 1.97 13.09 2.66
CA SER A 290 2.56 11.80 2.99
C SER A 290 1.66 10.65 2.51
N LEU A 291 0.38 10.74 2.85
CA LEU A 291 -0.46 9.56 2.63
C LEU A 291 -0.93 9.52 1.17
N LEU A 292 -1.08 10.69 0.57
CA LEU A 292 -1.27 10.75 -0.87
C LEU A 292 -0.10 10.04 -1.57
N PHE A 293 1.14 10.32 -1.13
CA PHE A 293 2.28 9.66 -1.77
C PHE A 293 2.27 8.15 -1.47
N ALA A 294 2.01 7.80 -0.20
CA ALA A 294 2.01 6.40 0.22
C ALA A 294 1.07 5.54 -0.65
N ILE A 295 -0.19 5.97 -0.74
CA ILE A 295 -1.23 5.20 -1.41
C ILE A 295 -1.03 5.24 -2.92
N SER A 296 -0.68 6.39 -3.48
CA SER A 296 -0.47 6.44 -4.92
C SER A 296 0.77 5.64 -5.34
N ASN A 297 1.86 5.71 -4.56
CA ASN A 297 3.05 4.95 -4.94
C ASN A 297 2.77 3.45 -4.89
N ASN A 298 2.00 3.04 -3.87
CA ASN A 298 1.63 1.65 -3.70
C ASN A 298 0.80 1.16 -4.90
N ILE A 299 -0.25 1.92 -5.23
CA ILE A 299 -1.03 1.66 -6.45
C ILE A 299 -0.12 1.62 -7.69
N GLY A 300 0.72 2.64 -7.89
CA GLY A 300 1.64 2.61 -9.04
C GLY A 300 2.53 1.36 -9.07
N GLN A 301 3.01 0.90 -7.92
CA GLN A 301 3.87 -0.27 -7.86
C GLN A 301 3.10 -1.56 -8.20
N ILE A 302 1.90 -1.71 -7.60
CA ILE A 302 1.08 -2.90 -7.82
CA ILE A 302 1.13 -2.92 -7.83
C ILE A 302 0.75 -2.95 -9.31
N ALA A 303 0.39 -1.80 -9.89
CA ALA A 303 0.09 -1.70 -11.31
C ALA A 303 1.29 -2.12 -12.14
N TYR A 304 2.47 -1.62 -11.73
CA TYR A 304 3.72 -1.97 -12.39
C TYR A 304 3.92 -3.48 -12.39
N LEU A 305 3.81 -4.07 -11.19
CA LEU A 305 4.09 -5.49 -11.02
C LEU A 305 3.13 -6.33 -11.88
N GLN A 306 1.86 -5.90 -11.94
CA GLN A 306 0.86 -6.60 -12.72
C GLN A 306 1.19 -6.47 -14.21
N ALA A 307 1.62 -5.28 -14.62
CA ALA A 307 1.98 -5.02 -16.01
C ALA A 307 3.23 -5.84 -16.39
N LYS A 308 4.17 -5.96 -15.44
CA LYS A 308 5.39 -6.74 -15.60
C LYS A 308 5.07 -8.21 -15.85
N ILE A 309 4.22 -8.84 -15.02
CA ILE A 309 3.79 -10.23 -15.13
C ILE A 309 3.10 -10.50 -16.47
N ASN A 310 2.33 -9.52 -16.95
CA ASN A 310 1.44 -9.64 -18.10
C ASN A 310 2.10 -9.02 -19.35
N ASN A 311 3.33 -8.52 -19.18
CA ASN A 311 4.06 -7.95 -20.31
C ASN A 311 3.18 -6.91 -21.01
N ILE A 312 2.76 -5.90 -20.25
CA ILE A 312 1.92 -4.86 -20.77
C ILE A 312 2.67 -3.54 -20.58
N GLN A 313 2.70 -2.72 -21.66
CA GLN A 313 3.38 -1.44 -21.57
C GLN A 313 2.43 -0.33 -21.10
N ASN A 314 1.16 -0.38 -21.51
CA ASN A 314 0.28 0.78 -21.30
C ASN A 314 -0.67 0.57 -20.13
N ILE A 315 -0.67 1.52 -19.19
CA ILE A 315 -1.48 1.38 -17.99
C ILE A 315 -2.42 2.58 -17.90
N TYR A 316 -3.73 2.31 -18.00
CA TYR A 316 -4.72 3.35 -17.76
C TYR A 316 -5.14 3.40 -16.29
N PHE A 317 -5.34 4.63 -15.82
CA PHE A 317 -5.98 4.96 -14.55
C PHE A 317 -7.43 5.38 -14.77
N GLY A 318 -8.36 4.67 -14.11
CA GLY A 318 -9.77 5.02 -14.08
C GLY A 318 -10.23 5.26 -12.64
N GLY A 319 -11.50 5.66 -12.48
CA GLY A 319 -12.11 5.87 -11.17
C GLY A 319 -12.14 7.37 -10.85
N SER A 320 -12.34 7.74 -9.59
CA SER A 320 -12.45 9.15 -9.24
CA SER A 320 -12.47 9.13 -9.19
C SER A 320 -11.29 9.51 -8.29
N TYR A 321 -10.13 8.91 -8.53
CA TYR A 321 -9.04 9.17 -7.61
C TYR A 321 -8.14 10.31 -8.06
N THR A 322 -7.89 10.48 -9.36
CA THR A 322 -6.87 11.44 -9.78
C THR A 322 -7.49 12.84 -9.91
N ARG A 323 -8.75 12.85 -10.38
CA ARG A 323 -9.61 14.02 -10.63
C ARG A 323 -8.84 15.15 -11.34
N GLY A 324 -7.95 14.83 -12.28
CA GLY A 324 -7.16 15.84 -12.97
C GLY A 324 -6.28 16.68 -12.03
N HIS A 325 -5.88 16.11 -10.89
CA HIS A 325 -5.02 16.78 -9.93
C HIS A 325 -3.56 16.52 -10.31
N LEU A 326 -2.80 17.58 -10.48
CA LEU A 326 -1.48 17.49 -11.10
C LEU A 326 -0.52 16.72 -10.20
N THR A 327 -0.57 16.96 -8.89
CA THR A 327 0.33 16.26 -7.97
C THR A 327 0.07 14.76 -8.02
N THR A 328 -1.22 14.40 -7.93
CA THR A 328 -1.62 13.00 -7.95
C THR A 328 -1.15 12.33 -9.25
N MET A 329 -1.40 12.97 -10.39
CA MET A 329 -1.09 12.36 -11.68
C MET A 329 0.42 12.23 -11.83
N ASN A 330 1.14 13.29 -11.41
CA ASN A 330 2.60 13.23 -11.44
C ASN A 330 3.08 12.07 -10.57
N THR A 331 2.47 11.90 -9.38
CA THR A 331 2.92 10.84 -8.50
C THR A 331 2.75 9.48 -9.15
N LEU A 332 1.55 9.23 -9.72
CA LEU A 332 1.29 7.94 -10.37
C LEU A 332 2.21 7.72 -11.57
N SER A 333 2.33 8.73 -12.43
CA SER A 333 3.15 8.63 -13.63
C SER A 333 4.60 8.32 -13.29
N TYR A 334 5.08 8.97 -12.23
CA TYR A 334 6.45 8.82 -11.80
C TYR A 334 6.71 7.43 -11.24
N ALA A 335 5.75 6.89 -10.47
CA ALA A 335 5.89 5.55 -9.93
C ALA A 335 6.02 4.51 -11.04
N ILE A 336 5.17 4.60 -12.07
CA ILE A 336 5.17 3.64 -13.18
C ILE A 336 6.49 3.80 -13.93
N ASN A 337 6.88 5.05 -14.17
CA ASN A 337 8.13 5.35 -14.86
C ASN A 337 9.36 4.83 -14.08
N PHE A 338 9.32 4.98 -12.78
CA PHE A 338 10.48 4.66 -11.97
C PHE A 338 10.63 3.14 -11.87
N TRP A 339 9.56 2.47 -11.46
CA TRP A 339 9.60 1.03 -11.26
C TRP A 339 9.89 0.30 -12.55
N SER A 340 9.52 0.89 -13.71
CA SER A 340 9.69 0.26 -15.01
C SER A 340 10.96 0.75 -15.69
N GLN A 341 11.68 1.67 -15.01
CA GLN A 341 12.86 2.29 -15.58
C GLN A 341 12.56 2.76 -17.02
N GLY A 342 11.37 3.32 -17.24
CA GLY A 342 11.04 3.98 -18.48
C GLY A 342 10.27 3.10 -19.47
N SER A 343 10.15 1.80 -19.20
CA SER A 343 9.54 0.90 -20.17
C SER A 343 8.01 0.89 -20.10
N LYS A 344 7.38 1.49 -19.08
CA LYS A 344 5.92 1.50 -19.04
C LYS A 344 5.42 2.93 -18.89
N GLN A 345 4.11 3.16 -19.11
CA GLN A 345 3.57 4.51 -19.22
C GLN A 345 2.20 4.56 -18.54
N ALA A 346 1.98 5.60 -17.73
CA ALA A 346 0.68 5.88 -17.14
C ALA A 346 -0.18 6.73 -18.09
N PHE A 347 -1.42 6.30 -18.32
CA PHE A 347 -2.40 7.10 -19.06
C PHE A 347 -3.59 7.47 -18.18
N PHE A 348 -4.03 8.74 -18.30
CA PHE A 348 -5.18 9.25 -17.59
C PHE A 348 -6.32 9.56 -18.56
N LEU A 349 -7.52 9.67 -17.99
CA LEU A 349 -8.73 9.83 -18.79
CA LEU A 349 -8.76 9.80 -18.76
C LEU A 349 -9.52 11.01 -18.24
N LYS A 350 -9.97 11.89 -19.15
CA LYS A 350 -10.80 13.04 -18.83
C LYS A 350 -12.11 12.60 -18.16
N HIS A 351 -12.65 11.44 -18.55
CA HIS A 351 -13.88 10.92 -17.95
C HIS A 351 -13.58 9.66 -17.14
N GLU A 352 -12.44 9.65 -16.43
CA GLU A 352 -11.98 8.52 -15.64
C GLU A 352 -13.08 7.92 -14.76
N GLY A 353 -13.93 8.77 -14.18
CA GLY A 353 -14.86 8.24 -13.19
C GLY A 353 -16.05 7.52 -13.83
N TYR A 354 -16.15 7.60 -15.15
CA TYR A 354 -17.41 7.31 -15.84
C TYR A 354 -17.31 6.06 -16.70
N LEU A 355 -16.22 5.29 -16.59
CA LEU A 355 -15.99 4.17 -17.50
C LEU A 355 -17.10 3.14 -17.41
N GLY A 356 -17.42 2.68 -16.20
CA GLY A 356 -18.46 1.70 -15.93
C GLY A 356 -19.84 2.14 -16.40
N ALA A 357 -20.19 3.38 -16.06
CA ALA A 357 -21.51 3.89 -16.44
C ALA A 357 -21.62 4.04 -17.95
N MET A 358 -20.51 4.45 -18.61
CA MET A 358 -20.51 4.56 -20.07
C MET A 358 -20.76 3.18 -20.69
N GLY A 359 -20.06 2.15 -20.19
CA GLY A 359 -20.27 0.79 -20.72
C GLY A 359 -21.72 0.32 -20.54
N ALA A 360 -22.28 0.53 -19.36
CA ALA A 360 -23.67 0.19 -19.13
C ALA A 360 -24.56 0.94 -20.15
N PHE A 361 -24.26 2.23 -20.34
CA PHE A 361 -25.02 3.09 -21.23
C PHE A 361 -25.05 2.50 -22.63
N LEU A 362 -23.89 1.99 -23.07
CA LEU A 362 -23.75 1.52 -24.44
C LEU A 362 -24.54 0.23 -24.61
N SER A 363 -24.57 -0.61 -23.57
CA SER A 363 -25.38 -1.83 -23.58
C SER A 363 -26.87 -1.48 -23.75
N ALA A 364 -27.36 -0.57 -22.93
CA ALA A 364 -28.78 -0.24 -23.00
C ALA A 364 -29.15 0.37 -24.35
N SER A 365 -28.24 1.20 -24.90
CA SER A 365 -28.35 1.79 -26.22
C SER A 365 -28.50 0.74 -27.32
N ARG A 366 -27.57 -0.22 -27.39
CA ARG A 366 -27.72 -1.34 -28.31
C ARG A 366 -29.09 -1.97 -28.17
N HIS A 367 -29.52 -2.22 -26.93
CA HIS A 367 -30.79 -2.90 -26.67
C HIS A 367 -31.95 -2.11 -27.30
N SER A 368 -31.96 -0.78 -27.12
CA SER A 368 -33.09 0.01 -27.55
C SER A 368 -32.99 0.30 -29.06
N ARG B 11 20.61 -7.17 30.89
CA ARG B 11 20.29 -8.63 31.08
C ARG B 11 19.99 -9.28 29.73
N ILE B 12 20.87 -10.19 29.29
CA ILE B 12 20.69 -10.85 28.00
C ILE B 12 19.84 -12.10 28.18
N THR B 13 18.69 -12.14 27.50
CA THR B 13 17.79 -13.28 27.65
C THR B 13 17.71 -14.04 26.33
N GLN B 14 18.35 -13.52 25.27
CA GLN B 14 18.36 -14.19 23.96
C GLN B 14 19.79 -14.55 23.57
N GLU B 15 19.98 -15.85 23.30
CA GLU B 15 21.31 -16.47 23.30
C GLU B 15 21.28 -17.76 22.50
N ILE B 16 22.37 -18.01 21.77
CA ILE B 16 22.57 -19.19 20.96
C ILE B 16 23.95 -19.75 21.31
N SER B 17 24.04 -21.07 21.48
CA SER B 17 25.31 -21.76 21.59
C SER B 17 25.84 -21.96 20.18
N TYR B 18 27.07 -21.51 19.95
CA TYR B 18 27.69 -21.73 18.67
C TYR B 18 29.21 -21.63 18.85
N ASN B 19 29.94 -22.50 18.16
CA ASN B 19 31.39 -22.59 18.28
C ASN B 19 31.95 -21.45 17.42
N CYS B 20 32.06 -20.25 18.02
CA CYS B 20 32.50 -19.08 17.27
C CYS B 20 34.02 -19.12 17.07
N ASP B 21 34.46 -18.36 16.08
CA ASP B 21 35.87 -18.30 15.75
C ASP B 21 36.49 -17.10 16.48
N TYR B 22 37.43 -17.37 17.40
CA TYR B 22 38.03 -16.31 18.22
C TYR B 22 39.52 -16.14 17.89
N GLY B 23 39.91 -16.53 16.68
CA GLY B 23 41.31 -16.51 16.31
C GLY B 23 41.97 -15.16 16.56
N ASP B 24 41.19 -14.07 16.40
CA ASP B 24 41.71 -12.71 16.50
C ASP B 24 41.73 -12.22 17.96
N ASN B 25 41.16 -13.00 18.87
CA ASN B 25 41.20 -12.66 20.29
C ASN B 25 40.56 -11.30 20.49
N THR B 26 39.50 -11.05 19.72
CA THR B 26 38.75 -9.79 19.70
C THR B 26 37.31 -10.02 20.16
N PHE B 27 36.78 -9.03 20.91
CA PHE B 27 35.37 -8.95 21.28
C PHE B 27 34.66 -8.25 20.12
N ASN B 28 33.99 -9.05 19.27
CA ASN B 28 33.26 -8.49 18.12
C ASN B 28 31.86 -8.10 18.54
N LEU B 29 31.54 -6.84 18.27
CA LEU B 29 30.26 -6.26 18.66
C LEU B 29 29.60 -5.69 17.41
N ALA B 30 28.59 -6.39 16.90
CA ALA B 30 27.94 -5.96 15.66
C ALA B 30 26.66 -5.20 15.99
N ILE B 31 26.43 -4.09 15.29
CA ILE B 31 25.26 -3.27 15.56
C ILE B 31 24.58 -2.94 14.23
N ASP B 32 23.27 -3.15 14.20
CA ASP B 32 22.41 -2.76 13.10
C ASP B 32 21.66 -1.48 13.52
N ILE B 33 22.09 -0.34 12.95
CA ILE B 33 21.47 0.94 13.26
C ILE B 33 20.46 1.24 12.15
N GLY B 34 19.21 0.76 12.32
CA GLY B 34 18.09 1.07 11.44
C GLY B 34 17.27 2.28 11.92
N GLY B 35 16.63 2.97 10.97
CA GLY B 35 15.75 4.10 11.24
C GLY B 35 15.24 4.13 12.69
N THR B 36 14.66 3.01 13.16
CA THR B 36 13.77 3.04 14.30
C THR B 36 14.30 2.16 15.42
N LEU B 37 14.97 1.09 15.04
CA LEU B 37 15.40 0.14 16.04
C LEU B 37 16.90 -0.07 15.86
N ALA B 38 17.55 -0.42 16.98
CA ALA B 38 18.95 -0.80 16.99
C ALA B 38 19.08 -2.21 17.56
N LYS B 39 19.85 -3.05 16.85
CA LYS B 39 20.06 -4.43 17.26
C LYS B 39 21.57 -4.64 17.42
N VAL B 40 21.92 -5.44 18.43
CA VAL B 40 23.31 -5.83 18.68
C VAL B 40 23.40 -7.36 18.66
N VAL B 41 24.52 -7.86 18.09
CA VAL B 41 24.93 -9.24 18.12
C VAL B 41 26.37 -9.25 18.58
N PHE B 42 26.66 -10.01 19.63
CA PHE B 42 28.03 -10.02 20.12
C PHE B 42 28.30 -11.36 20.80
N SER B 43 29.59 -11.63 21.04
CA SER B 43 29.99 -12.86 21.70
C SER B 43 31.22 -12.60 22.56
N PRO B 44 31.10 -12.78 23.90
CA PRO B 44 32.24 -12.69 24.80
C PRO B 44 33.30 -13.63 24.26
N ILE B 45 34.56 -13.16 24.25
CA ILE B 45 35.63 -13.90 23.61
C ILE B 45 35.67 -15.29 24.27
N HIS B 46 35.65 -16.35 23.45
CA HIS B 46 35.85 -17.72 23.92
C HIS B 46 34.64 -18.32 24.63
N SER B 47 33.51 -17.61 24.70
CA SER B 47 32.29 -18.06 25.37
C SER B 47 31.56 -19.14 24.56
N ASN B 48 31.67 -19.12 23.23
CA ASN B 48 30.78 -19.89 22.36
C ASN B 48 29.29 -19.56 22.61
N ARG B 49 29.00 -18.33 23.04
CA ARG B 49 27.63 -17.85 23.19
C ARG B 49 27.41 -16.63 22.29
N LEU B 50 26.45 -16.70 21.37
CA LEU B 50 25.99 -15.53 20.61
C LEU B 50 24.85 -14.88 21.36
N MET B 51 24.98 -13.58 21.59
CA MET B 51 24.08 -12.84 22.43
C MET B 51 23.42 -11.74 21.61
N PHE B 52 22.10 -11.60 21.78
CA PHE B 52 21.29 -10.77 20.91
C PHE B 52 20.57 -9.71 21.74
N TYR B 53 20.46 -8.48 21.23
CA TYR B 53 19.68 -7.51 21.99
C TYR B 53 19.11 -6.46 21.06
N THR B 54 17.86 -6.08 21.32
CA THR B 54 17.19 -5.02 20.57
C THR B 54 16.84 -3.87 21.51
N ILE B 55 17.09 -2.64 21.08
CA ILE B 55 16.68 -1.49 21.87
C ILE B 55 15.69 -0.66 21.03
N LYS B 62 20.86 6.78 24.19
CA LYS B 62 20.61 5.73 25.22
C LYS B 62 21.12 4.38 24.70
N PHE B 63 21.46 4.37 23.39
CA PHE B 63 22.00 3.22 22.70
C PHE B 63 23.52 3.14 22.86
N MET B 64 24.23 4.19 22.39
CA MET B 64 25.65 4.33 22.66
C MET B 64 25.89 3.92 24.10
N GLU B 65 25.00 4.36 25.00
CA GLU B 65 25.12 4.01 26.40
C GLU B 65 25.02 2.49 26.68
N LEU B 66 24.23 1.78 25.84
CA LEU B 66 24.09 0.32 25.94
C LEU B 66 25.40 -0.35 25.50
N LEU B 67 26.00 0.18 24.43
CA LEU B 67 27.22 -0.38 23.89
C LEU B 67 28.32 -0.30 24.93
N HIS B 68 28.34 0.81 25.70
CA HIS B 68 29.30 0.97 26.79
C HIS B 68 29.14 -0.12 27.85
N SER B 69 27.88 -0.36 28.26
CA SER B 69 27.57 -1.34 29.29
CA SER B 69 27.58 -1.34 29.29
CA SER B 69 27.58 -1.34 29.29
C SER B 69 27.95 -2.75 28.80
N ILE B 70 27.68 -3.02 27.53
CA ILE B 70 28.06 -4.31 26.94
C ILE B 70 29.57 -4.51 27.04
N ILE B 71 30.37 -3.52 26.65
CA ILE B 71 31.81 -3.66 26.75
C ILE B 71 32.22 -3.88 28.21
N LYS B 72 31.56 -3.13 29.12
CA LYS B 72 31.87 -3.13 30.55
C LYS B 72 31.65 -4.53 31.11
N GLU B 73 30.45 -5.08 30.86
CA GLU B 73 29.91 -6.32 31.43
C GLU B 73 30.42 -7.57 30.70
N HIS B 74 30.59 -7.49 29.38
CA HIS B 74 30.86 -8.71 28.61
C HIS B 74 32.28 -8.72 28.03
N ASN B 75 33.02 -7.61 28.16
CA ASN B 75 34.43 -7.65 27.76
C ASN B 75 35.33 -6.99 28.81
N ASN B 76 34.88 -6.99 30.06
CA ASN B 76 35.70 -6.58 31.18
C ASN B 76 36.14 -5.12 31.07
N GLY B 77 35.31 -4.29 30.44
CA GLY B 77 35.61 -2.88 30.23
C GLY B 77 36.81 -2.61 29.32
N CYS B 78 37.19 -3.57 28.45
CA CYS B 78 38.43 -3.42 27.69
C CYS B 78 38.09 -2.90 26.30
N TYR B 79 38.28 -1.60 26.06
CA TYR B 79 37.98 -0.93 24.79
C TYR B 79 38.96 -1.36 23.70
N ARG B 80 40.22 -1.50 24.08
CA ARG B 80 41.28 -1.76 23.11
C ARG B 80 41.20 -3.18 22.53
N MET B 81 40.48 -4.10 23.17
CA MET B 81 40.18 -5.38 22.56
C MET B 81 38.76 -5.46 21.95
N THR B 82 38.08 -4.32 21.74
CA THR B 82 36.74 -4.40 21.16
C THR B 82 36.82 -3.96 19.70
N HIS B 83 36.09 -4.66 18.84
CA HIS B 83 35.90 -4.26 17.46
C HIS B 83 34.39 -4.07 17.21
N ILE B 84 33.99 -2.90 16.72
CA ILE B 84 32.60 -2.70 16.34
C ILE B 84 32.44 -2.90 14.81
N ILE B 85 31.43 -3.70 14.39
CA ILE B 85 31.00 -3.73 13.01
C ILE B 85 29.63 -3.07 12.91
N ALA B 86 29.51 -2.00 12.14
CA ALA B 86 28.20 -1.32 12.02
C ALA B 86 27.54 -1.64 10.69
N THR B 87 26.23 -1.94 10.75
CA THR B 87 25.44 -2.11 9.54
C THR B 87 24.21 -1.19 9.60
N GLY B 88 23.47 -1.05 8.48
CA GLY B 88 22.35 -0.11 8.35
C GLY B 88 22.80 1.35 8.13
N GLY B 89 21.81 2.26 7.94
CA GLY B 89 22.07 3.64 7.57
C GLY B 89 22.88 4.42 8.61
N GLY B 90 22.70 4.08 9.89
CA GLY B 90 23.41 4.75 10.97
C GLY B 90 24.94 4.69 10.79
N ALA B 91 25.39 3.58 10.18
CA ALA B 91 26.78 3.23 9.94
C ALA B 91 27.44 4.30 9.06
N PHE B 92 26.61 5.01 8.27
CA PHE B 92 27.04 5.99 7.29
C PHE B 92 26.62 7.37 7.77
N LYS B 93 25.31 7.57 7.96
CA LYS B 93 24.84 8.76 8.62
C LYS B 93 25.75 9.10 9.80
N PHE B 94 26.16 8.09 10.60
CA PHE B 94 26.85 8.38 11.86
C PHE B 94 28.16 7.61 12.00
N TYR B 95 28.99 7.53 10.93
CA TYR B 95 30.27 6.84 11.04
C TYR B 95 31.15 7.57 12.07
N ASP B 96 31.21 8.90 11.94
CA ASP B 96 31.99 9.73 12.86
C ASP B 96 31.46 9.58 14.28
N LEU B 97 30.13 9.54 14.44
CA LEU B 97 29.62 9.52 15.82
C LEU B 97 30.11 8.25 16.51
N LEU B 98 30.39 7.20 15.74
CA LEU B 98 30.85 5.99 16.40
C LEU B 98 32.27 6.23 16.91
N TYR B 99 33.11 6.90 16.08
CA TYR B 99 34.48 7.22 16.47
C TYR B 99 34.50 8.21 17.63
N GLU B 100 33.52 9.11 17.63
CA GLU B 100 33.43 10.09 18.72
C GLU B 100 33.10 9.34 19.98
N ASN B 101 32.22 8.34 19.86
CA ASN B 101 31.63 7.69 21.02
C ASN B 101 32.51 6.55 21.51
N PHE B 102 33.32 5.97 20.61
CA PHE B 102 34.04 4.75 20.96
C PHE B 102 35.48 4.96 20.60
N PRO B 103 36.12 5.98 21.24
CA PRO B 103 37.52 6.27 20.98
C PRO B 103 38.24 5.08 21.60
N GLN B 104 39.41 4.81 21.03
CA GLN B 104 40.38 3.95 21.69
C GLN B 104 39.96 2.49 21.56
N ILE B 105 39.01 2.21 20.65
CA ILE B 105 38.51 0.87 20.36
C ILE B 105 39.54 0.22 19.46
N LYS B 106 39.54 -1.11 19.37
CA LYS B 106 40.51 -1.75 18.50
C LYS B 106 40.23 -1.37 17.05
N GLY B 107 38.97 -1.32 16.67
CA GLY B 107 38.66 -1.02 15.27
C GLY B 107 37.14 -0.84 15.08
N ILE B 108 36.76 -0.02 14.10
CA ILE B 108 35.36 0.09 13.72
C ILE B 108 35.31 -0.25 12.24
N SER B 109 34.45 -1.18 11.86
CA SER B 109 34.31 -1.42 10.44
C SER B 109 32.83 -1.38 10.10
N ARG B 110 32.52 -1.53 8.80
CA ARG B 110 31.14 -1.41 8.34
C ARG B 110 30.82 -2.64 7.51
N PHE B 111 29.52 -2.90 7.35
CA PHE B 111 29.08 -3.97 6.49
C PHE B 111 27.81 -3.51 5.76
N GLU B 112 27.79 -3.68 4.44
CA GLU B 112 26.69 -3.17 3.62
C GLU B 112 25.42 -3.90 4.07
N GLU B 113 24.30 -3.16 4.09
CA GLU B 113 23.07 -3.60 4.72
C GLU B 113 22.52 -4.83 4.00
N MET B 114 22.35 -4.75 2.67
CA MET B 114 21.73 -5.87 1.95
C MET B 114 22.58 -7.12 2.17
N GLU B 115 23.90 -6.99 2.01
CA GLU B 115 24.78 -8.12 2.18
C GLU B 115 24.77 -8.62 3.63
N GLY B 116 24.73 -7.71 4.60
CA GLY B 116 24.46 -8.08 5.98
C GLY B 116 23.25 -9.02 6.12
N LEU B 117 22.09 -8.62 5.56
CA LEU B 117 20.86 -9.38 5.78
C LEU B 117 21.00 -10.80 5.22
N ILE B 118 21.62 -10.93 4.05
CA ILE B 118 21.64 -12.22 3.36
C ILE B 118 22.66 -13.11 4.04
N HIS B 119 23.82 -12.55 4.43
CA HIS B 119 24.77 -13.43 5.11
C HIS B 119 24.16 -13.91 6.43
N GLY B 120 23.41 -13.03 7.10
CA GLY B 120 22.81 -13.38 8.40
C GLY B 120 21.74 -14.45 8.24
N LEU B 121 20.89 -14.25 7.23
CA LEU B 121 19.80 -15.18 6.94
C LEU B 121 20.38 -16.54 6.55
N ASP B 122 21.36 -16.56 5.64
CA ASP B 122 21.95 -17.82 5.19
C ASP B 122 22.58 -18.58 6.38
N PHE B 123 23.11 -17.84 7.35
CA PHE B 123 23.67 -18.44 8.57
C PHE B 123 22.58 -19.11 9.42
N PHE B 124 21.47 -18.41 9.64
CA PHE B 124 20.36 -18.97 10.41
C PHE B 124 19.81 -20.20 9.70
N ILE B 125 19.67 -20.13 8.37
CA ILE B 125 19.10 -21.22 7.58
C ILE B 125 20.00 -22.46 7.67
N HIS B 126 21.31 -22.27 7.45
CA HIS B 126 22.22 -23.40 7.32
C HIS B 126 22.77 -23.92 8.65
N GLU B 127 22.86 -23.07 9.69
CA GLU B 127 23.69 -23.43 10.84
C GLU B 127 22.87 -23.64 12.12
N ILE B 128 21.69 -23.02 12.22
CA ILE B 128 21.03 -22.91 13.51
C ILE B 128 19.74 -23.74 13.51
N PRO B 129 19.64 -24.81 14.34
CA PRO B 129 18.42 -25.62 14.40
C PRO B 129 17.22 -24.90 15.03
N ASP B 130 16.01 -25.27 14.56
CA ASP B 130 14.79 -24.77 15.14
C ASP B 130 14.67 -23.25 14.92
N GLU B 131 15.18 -22.74 13.78
CA GLU B 131 15.22 -21.30 13.51
C GLU B 131 14.16 -20.88 12.49
N VAL B 132 13.95 -21.72 11.48
CA VAL B 132 13.06 -21.48 10.37
C VAL B 132 11.76 -22.24 10.61
N PHE B 133 10.64 -21.52 10.50
CA PHE B 133 9.34 -22.14 10.74
C PHE B 133 8.25 -21.56 9.85
N THR B 134 7.26 -22.41 9.54
CA THR B 134 5.97 -21.95 9.04
C THR B 134 5.01 -21.76 10.21
N TYR B 135 4.05 -20.86 10.04
CA TYR B 135 2.94 -20.69 10.97
C TYR B 135 1.67 -20.31 10.21
N ASN B 136 0.57 -20.99 10.55
CA ASN B 136 -0.78 -20.52 10.22
C ASN B 136 -1.74 -20.98 11.31
N ASP B 137 -2.93 -20.39 11.33
CA ASP B 137 -3.87 -20.69 12.39
C ASP B 137 -4.42 -22.10 12.20
N GLN B 138 -4.38 -22.66 10.98
CA GLN B 138 -4.97 -23.98 10.73
C GLN B 138 -4.12 -25.07 11.36
N ASP B 139 -2.84 -25.12 10.98
CA ASP B 139 -1.96 -26.21 11.35
C ASP B 139 -0.91 -25.82 12.42
N GLY B 140 -0.87 -24.55 12.83
CA GLY B 140 0.09 -24.12 13.85
C GLY B 140 1.50 -23.90 13.28
N GLU B 141 2.49 -24.15 14.13
CA GLU B 141 3.90 -23.94 13.85
C GLU B 141 4.53 -25.23 13.33
N ARG B 142 5.35 -25.12 12.28
CA ARG B 142 6.13 -26.25 11.82
C ARG B 142 7.55 -25.78 11.59
N ILE B 143 8.46 -26.34 12.39
CA ILE B 143 9.89 -26.16 12.22
C ILE B 143 10.32 -26.82 10.91
N ILE B 144 10.99 -26.04 10.06
CA ILE B 144 11.55 -26.55 8.83
C ILE B 144 13.03 -26.86 9.08
N PRO B 145 13.45 -28.14 8.97
CA PRO B 145 14.84 -28.52 9.30
C PRO B 145 15.84 -28.14 8.20
N THR B 146 15.98 -26.82 7.94
CA THR B 146 16.85 -26.33 6.88
C THR B 146 18.31 -26.59 7.24
N SER B 147 18.61 -26.70 8.55
CA SER B 147 20.00 -26.82 8.97
CA SER B 147 19.99 -26.83 9.01
C SER B 147 20.50 -28.26 8.91
N SER B 148 19.58 -29.23 8.80
CA SER B 148 19.91 -30.65 8.65
C SER B 148 20.99 -30.85 7.60
N ILE B 156 16.06 -25.00 -0.70
CA ILE B 156 16.54 -23.69 -0.12
C ILE B 156 16.52 -22.58 -1.18
N TYR B 157 17.47 -22.61 -2.12
CA TYR B 157 17.59 -21.61 -3.18
C TYR B 157 16.62 -21.88 -4.34
N PRO B 158 16.24 -20.87 -5.17
CA PRO B 158 16.37 -19.46 -4.82
C PRO B 158 15.31 -19.08 -3.78
N TYR B 159 15.47 -17.94 -3.11
CA TYR B 159 14.47 -17.52 -2.17
C TYR B 159 14.35 -16.01 -2.24
N LEU B 160 13.23 -15.52 -1.70
CA LEU B 160 13.03 -14.09 -1.51
C LEU B 160 13.20 -13.84 -0.01
N LEU B 161 13.87 -12.73 0.32
CA LEU B 161 13.75 -12.23 1.69
C LEU B 161 12.97 -10.92 1.65
N VAL B 162 11.90 -10.87 2.45
CA VAL B 162 11.11 -9.66 2.61
C VAL B 162 11.44 -9.17 4.00
N ASN B 163 12.23 -8.10 4.03
CA ASN B 163 12.74 -7.63 5.30
C ASN B 163 11.94 -6.39 5.70
N ILE B 164 11.11 -6.53 6.74
CA ILE B 164 10.16 -5.48 7.10
C ILE B 164 10.66 -4.75 8.35
N GLY B 165 11.03 -3.48 8.18
CA GLY B 165 11.34 -2.61 9.30
C GLY B 165 10.52 -1.33 9.23
N SER B 166 11.21 -0.20 9.22
CA SER B 166 10.50 1.04 8.99
C SER B 166 9.80 0.97 7.62
N GLY B 167 10.60 0.66 6.59
CA GLY B 167 10.08 0.32 5.25
C GLY B 167 10.26 -1.17 4.95
N VAL B 168 10.13 -1.54 3.68
CA VAL B 168 10.28 -2.96 3.31
C VAL B 168 11.37 -3.05 2.23
N SER B 169 12.34 -3.93 2.45
CA SER B 169 13.30 -4.32 1.43
C SER B 169 13.02 -5.74 0.97
N ILE B 170 13.04 -5.99 -0.34
CA ILE B 170 12.80 -7.33 -0.86
C ILE B 170 14.04 -7.73 -1.66
N LEU B 171 14.67 -8.84 -1.26
CA LEU B 171 15.92 -9.30 -1.85
C LEU B 171 15.72 -10.68 -2.48
N LYS B 172 16.34 -10.89 -3.62
CA LYS B 172 16.30 -12.18 -4.30
C LYS B 172 17.67 -12.81 -4.06
N VAL B 173 17.66 -14.09 -3.73
CA VAL B 173 18.90 -14.81 -3.49
C VAL B 173 18.85 -16.09 -4.32
N THR B 174 19.70 -16.14 -5.36
CA THR B 174 19.75 -17.31 -6.24
C THR B 174 20.66 -18.40 -5.64
N GLU B 175 21.78 -18.00 -5.03
CA GLU B 175 22.69 -18.99 -4.48
C GLU B 175 23.58 -18.32 -3.43
N PRO B 176 24.37 -19.06 -2.61
CA PRO B 176 25.31 -18.42 -1.70
C PRO B 176 25.99 -17.30 -2.47
N ASN B 177 26.05 -16.09 -1.89
CA ASN B 177 26.73 -14.92 -2.43
C ASN B 177 26.22 -14.46 -3.81
N ASN B 178 25.02 -14.90 -4.21
CA ASN B 178 24.42 -14.22 -5.34
C ASN B 178 23.03 -13.69 -4.98
N PHE B 179 22.90 -12.37 -4.87
CA PHE B 179 21.68 -11.74 -4.41
C PHE B 179 21.62 -10.30 -4.92
N SER B 180 20.43 -9.71 -4.92
CA SER B 180 20.20 -8.30 -5.24
C SER B 180 18.87 -7.86 -4.62
N ARG B 181 18.75 -6.56 -4.34
CA ARG B 181 17.53 -5.92 -3.90
C ARG B 181 16.65 -5.68 -5.13
N VAL B 182 15.54 -6.42 -5.24
CA VAL B 182 14.70 -6.36 -6.44
C VAL B 182 13.60 -5.33 -6.24
N GLY B 183 13.32 -4.98 -5.00
CA GLY B 183 12.12 -4.17 -4.81
C GLY B 183 12.03 -3.73 -3.36
N GLY B 184 10.96 -2.98 -3.09
CA GLY B 184 10.71 -2.50 -1.75
C GLY B 184 9.35 -1.82 -1.70
N SER B 185 9.03 -1.28 -0.53
CA SER B 185 7.80 -0.55 -0.29
C SER B 185 8.02 0.35 0.92
N SER B 186 7.55 1.58 0.80
CA SER B 186 7.52 2.49 1.94
C SER B 186 6.41 2.17 2.96
N LEU B 187 5.49 1.24 2.66
CA LEU B 187 4.40 0.93 3.59
CA LEU B 187 4.40 0.93 3.58
C LEU B 187 4.85 -0.24 4.46
N GLY B 188 5.61 0.07 5.52
CA GLY B 188 6.24 -0.98 6.31
C GLY B 188 5.85 -0.89 7.79
N GLY B 189 6.70 -1.41 8.69
CA GLY B 189 6.37 -1.38 10.11
C GLY B 189 6.18 0.06 10.62
N GLY B 190 7.01 0.99 10.14
CA GLY B 190 6.90 2.38 10.60
C GLY B 190 5.57 3.00 10.21
N THR B 191 5.02 2.57 9.07
CA THR B 191 3.73 3.11 8.63
C THR B 191 2.64 2.61 9.57
N LEU B 192 2.69 1.30 9.87
CA LEU B 192 1.74 0.73 10.81
C LEU B 192 1.83 1.42 12.17
N TRP B 193 3.05 1.48 12.73
CA TRP B 193 3.29 2.04 14.06
C TRP B 193 2.92 3.52 14.08
N GLY B 194 3.33 4.26 13.05
CA GLY B 194 3.03 5.68 12.90
C GLY B 194 1.52 5.93 12.88
N LEU B 195 0.78 5.25 12.01
CA LEU B 195 -0.64 5.47 11.87
C LEU B 195 -1.31 5.15 13.20
N LEU B 196 -0.92 4.05 13.85
CA LEU B 196 -1.71 3.58 14.99
C LEU B 196 -1.39 4.41 16.24
N SER B 197 -0.15 4.84 16.38
CA SER B 197 0.24 5.80 17.40
C SER B 197 -0.66 7.04 17.35
N LEU B 198 -0.62 7.73 16.20
CA LEU B 198 -1.32 9.00 16.02
C LEU B 198 -2.82 8.80 16.22
N ILE B 199 -3.38 7.74 15.60
CA ILE B 199 -4.83 7.60 15.58
C ILE B 199 -5.32 7.14 16.96
N THR B 200 -4.66 6.14 17.56
CA THR B 200 -5.26 5.50 18.73
C THR B 200 -4.54 5.89 20.03
N GLY B 201 -3.34 6.47 19.94
CA GLY B 201 -2.61 6.84 21.15
C GLY B 201 -1.83 5.67 21.74
N ALA B 202 -1.86 4.49 21.08
CA ALA B 202 -1.16 3.31 21.55
C ALA B 202 0.32 3.65 21.70
N GLN B 203 0.96 3.12 22.76
CA GLN B 203 2.27 3.58 23.20
C GLN B 203 3.38 2.61 22.82
N THR B 204 3.03 1.35 22.54
CA THR B 204 4.01 0.35 22.14
C THR B 204 3.42 -0.57 21.04
N TYR B 205 4.29 -1.17 20.23
CA TYR B 205 3.91 -2.18 19.25
C TYR B 205 3.03 -3.24 19.90
N ASP B 206 3.40 -3.62 21.13
CA ASP B 206 2.65 -4.59 21.91
C ASP B 206 1.20 -4.17 22.11
N GLN B 207 0.95 -2.92 22.50
CA GLN B 207 -0.46 -2.61 22.78
C GLN B 207 -1.28 -2.67 21.49
N MET B 208 -0.65 -2.26 20.39
CA MET B 208 -1.26 -2.28 19.06
C MET B 208 -1.66 -3.69 18.70
N LEU B 209 -0.76 -4.66 18.97
CA LEU B 209 -1.03 -6.03 18.58
C LEU B 209 -2.10 -6.64 19.48
N ASP B 210 -2.06 -6.34 20.79
CA ASP B 210 -3.11 -6.82 21.68
C ASP B 210 -4.47 -6.29 21.22
N TRP B 211 -4.54 -4.98 20.93
CA TRP B 211 -5.80 -4.41 20.46
C TRP B 211 -6.21 -5.04 19.14
N ALA B 212 -5.24 -5.34 18.26
CA ALA B 212 -5.58 -5.86 16.94
C ALA B 212 -6.25 -7.23 17.07
N GLN B 213 -5.79 -8.01 18.05
CA GLN B 213 -6.26 -9.38 18.26
C GLN B 213 -7.72 -9.40 18.73
N GLU B 214 -8.16 -8.39 19.50
CA GLU B 214 -9.55 -8.29 19.95
C GLU B 214 -10.47 -7.75 18.84
N GLY B 215 -9.91 -6.93 17.95
CA GLY B 215 -10.68 -6.07 17.08
C GLY B 215 -11.45 -6.82 16.00
N ASP B 216 -12.41 -6.11 15.43
CA ASP B 216 -13.19 -6.53 14.27
C ASP B 216 -13.02 -5.45 13.20
N ASN B 217 -12.28 -5.75 12.13
CA ASN B 217 -11.97 -4.74 11.12
C ASN B 217 -13.23 -4.29 10.37
N SER B 218 -14.31 -5.08 10.48
CA SER B 218 -15.48 -4.77 9.65
C SER B 218 -16.14 -3.44 10.04
N SER B 219 -15.79 -2.87 11.21
CA SER B 219 -16.47 -1.63 11.54
C SER B 219 -15.83 -0.45 10.82
N VAL B 220 -14.57 -0.63 10.36
CA VAL B 220 -13.92 0.46 9.65
C VAL B 220 -13.65 0.14 8.18
N ASP B 221 -13.66 -1.14 7.83
CA ASP B 221 -13.35 -1.55 6.47
C ASP B 221 -14.66 -1.80 5.72
N MET B 222 -14.67 -1.43 4.43
CA MET B 222 -15.69 -1.96 3.54
C MET B 222 -15.30 -3.36 3.10
N LEU B 223 -16.15 -4.34 3.42
CA LEU B 223 -15.96 -5.70 2.95
C LEU B 223 -16.74 -5.88 1.65
N VAL B 224 -16.48 -6.99 0.96
CA VAL B 224 -17.17 -7.27 -0.29
C VAL B 224 -18.68 -7.15 -0.04
N GLY B 225 -19.14 -7.85 1.00
CA GLY B 225 -20.54 -7.88 1.39
C GLY B 225 -21.16 -6.49 1.53
N ASP B 226 -20.36 -5.51 1.98
CA ASP B 226 -20.78 -4.14 2.19
C ASP B 226 -21.03 -3.47 0.84
N ILE B 227 -20.23 -3.84 -0.16
CA ILE B 227 -20.36 -3.23 -1.47
C ILE B 227 -21.50 -3.89 -2.26
N TYR B 228 -21.61 -5.24 -2.14
CA TYR B 228 -22.69 -6.03 -2.72
C TYR B 228 -23.73 -6.39 -1.63
N SER B 240 -15.38 -13.01 3.86
CA SER B 240 -15.23 -11.73 4.60
C SER B 240 -14.11 -10.88 3.98
N ALA B 241 -13.90 -11.01 2.67
CA ALA B 241 -12.78 -10.36 2.02
C ALA B 241 -12.88 -8.83 2.10
N ILE B 242 -11.75 -8.14 2.18
CA ILE B 242 -11.77 -6.69 2.37
C ILE B 242 -11.77 -6.04 0.99
N ALA B 243 -12.74 -5.15 0.71
CA ALA B 243 -12.74 -4.40 -0.53
C ALA B 243 -11.99 -3.06 -0.38
N SER B 244 -12.18 -2.38 0.75
CA SER B 244 -11.48 -1.11 0.97
C SER B 244 -11.10 -0.99 2.43
N SER B 245 -9.80 -1.03 2.70
CA SER B 245 -9.27 -0.86 4.03
C SER B 245 -9.60 0.56 4.49
N PHE B 246 -10.22 0.67 5.67
CA PHE B 246 -10.62 1.92 6.31
C PHE B 246 -11.68 2.68 5.48
N GLY B 247 -12.29 1.98 4.51
CA GLY B 247 -13.18 2.67 3.58
C GLY B 247 -14.53 3.05 4.16
N LYS B 248 -14.90 2.52 5.33
CA LYS B 248 -16.15 2.90 5.98
C LYS B 248 -15.97 4.19 6.81
N VAL B 249 -14.72 4.66 6.96
CA VAL B 249 -14.48 5.72 7.92
C VAL B 249 -14.94 7.06 7.33
N PHE B 250 -14.72 7.28 6.03
CA PHE B 250 -15.05 8.55 5.39
C PHE B 250 -16.56 8.81 5.46
N GLN B 251 -17.35 7.72 5.53
CA GLN B 251 -18.80 7.77 5.55
C GLN B 251 -19.28 8.24 6.93
N LEU B 267 -18.63 30.22 2.24
CA LEU B 267 -18.20 31.64 2.42
C LEU B 267 -17.89 31.89 3.91
N TYR B 268 -18.93 31.89 4.76
CA TYR B 268 -18.68 32.03 6.20
C TYR B 268 -19.69 31.20 7.01
N SER B 269 -19.42 31.13 8.32
CA SER B 269 -20.25 30.31 9.19
C SER B 269 -21.68 30.85 9.21
N SER B 270 -22.65 29.94 9.02
CA SER B 270 -24.08 30.24 9.02
C SER B 270 -24.92 29.09 9.58
N HIS B 271 -24.35 27.88 9.72
CA HIS B 271 -25.11 26.79 10.33
C HIS B 271 -24.31 26.03 11.37
N GLU B 272 -24.84 24.87 11.78
CA GLU B 272 -24.28 24.13 12.90
C GLU B 272 -22.82 23.75 12.59
N SER B 273 -22.05 23.48 13.66
CA SER B 273 -20.65 23.13 13.49
C SER B 273 -20.51 21.74 12.86
N ILE B 274 -19.63 21.64 11.86
CA ILE B 274 -19.18 20.37 11.29
C ILE B 274 -18.60 19.45 12.39
N GLU B 275 -18.04 20.04 13.46
CA GLU B 275 -17.74 19.32 14.71
C GLU B 275 -16.89 18.08 14.44
N GLY B 279 -16.13 14.36 15.72
CA GLY B 279 -17.45 13.87 15.27
C GLY B 279 -17.58 12.37 15.54
N GLN B 280 -17.80 11.61 14.47
CA GLN B 280 -17.96 10.17 14.51
C GLN B 280 -16.73 9.49 15.16
N MET B 281 -16.97 8.39 15.89
CA MET B 281 -15.94 7.66 16.62
C MET B 281 -15.80 6.23 16.09
N PHE B 282 -14.57 5.68 16.21
CA PHE B 282 -14.29 4.31 15.82
C PHE B 282 -13.49 3.60 16.90
N LYS B 283 -13.63 2.29 17.00
CA LYS B 283 -13.03 1.55 18.10
C LYS B 283 -11.56 1.26 17.83
N ASN B 284 -10.70 1.51 18.83
CA ASN B 284 -9.27 1.35 18.74
C ASN B 284 -8.91 -0.07 18.30
N PRO B 285 -9.45 -1.13 18.94
CA PRO B 285 -9.14 -2.52 18.55
C PRO B 285 -9.43 -2.80 17.07
N ASP B 286 -10.54 -2.26 16.58
CA ASP B 286 -10.95 -2.47 15.21
C ASP B 286 -10.04 -1.71 14.24
N ILE B 287 -9.62 -0.50 14.63
CA ILE B 287 -8.68 0.28 13.85
C ILE B 287 -7.35 -0.47 13.79
N CYS B 288 -6.92 -1.05 14.91
CA CYS B 288 -5.64 -1.75 14.89
C CYS B 288 -5.72 -2.98 14.00
N LYS B 289 -6.86 -3.69 14.03
CA LYS B 289 -6.97 -4.86 13.17
C LYS B 289 -7.04 -4.47 11.69
N SER B 290 -7.81 -3.45 11.34
CA SER B 290 -7.91 -2.96 9.98
C SER B 290 -6.52 -2.64 9.43
N LEU B 291 -5.70 -1.93 10.21
CA LEU B 291 -4.47 -1.41 9.64
C LEU B 291 -3.38 -2.48 9.65
N LEU B 292 -3.42 -3.36 10.65
CA LEU B 292 -2.57 -4.54 10.63
C LEU B 292 -2.85 -5.39 9.39
N PHE B 293 -4.13 -5.70 9.12
CA PHE B 293 -4.49 -6.41 7.89
C PHE B 293 -4.05 -5.62 6.65
N ALA B 294 -4.32 -4.31 6.61
CA ALA B 294 -4.06 -3.56 5.40
C ALA B 294 -2.56 -3.62 5.05
N ILE B 295 -1.69 -3.38 6.04
CA ILE B 295 -0.25 -3.28 5.85
C ILE B 295 0.28 -4.70 5.58
N SER B 296 -0.21 -5.68 6.35
CA SER B 296 0.29 -7.03 6.17
C SER B 296 -0.17 -7.65 4.85
N ASN B 297 -1.44 -7.44 4.46
CA ASN B 297 -1.94 -8.02 3.23
C ASN B 297 -1.17 -7.41 2.05
N ASN B 298 -0.88 -6.13 2.16
CA ASN B 298 -0.24 -5.42 1.04
C ASN B 298 1.18 -5.96 0.84
N ILE B 299 1.91 -6.07 1.97
CA ILE B 299 3.26 -6.63 1.95
C ILE B 299 3.22 -8.05 1.36
N GLY B 300 2.27 -8.89 1.81
CA GLY B 300 2.09 -10.25 1.32
C GLY B 300 1.85 -10.28 -0.20
N GLN B 301 1.01 -9.36 -0.69
CA GLN B 301 0.73 -9.24 -2.12
C GLN B 301 1.98 -8.83 -2.91
N ILE B 302 2.71 -7.81 -2.45
CA ILE B 302 3.87 -7.33 -3.20
C ILE B 302 4.93 -8.45 -3.20
N ALA B 303 5.05 -9.18 -2.08
CA ALA B 303 5.98 -10.29 -1.95
C ALA B 303 5.62 -11.39 -2.95
N TYR B 304 4.31 -11.68 -3.06
CA TYR B 304 3.86 -12.73 -3.96
C TYR B 304 4.12 -12.30 -5.42
N LEU B 305 3.82 -11.05 -5.76
CA LEU B 305 4.02 -10.62 -7.14
C LEU B 305 5.51 -10.63 -7.53
N GLN B 306 6.37 -10.12 -6.66
CA GLN B 306 7.82 -10.20 -6.83
C GLN B 306 8.28 -11.66 -7.00
N ALA B 307 7.77 -12.56 -6.15
CA ALA B 307 8.11 -13.97 -6.22
C ALA B 307 7.71 -14.57 -7.58
N LYS B 308 6.52 -14.18 -8.05
CA LYS B 308 6.02 -14.60 -9.34
C LYS B 308 6.95 -14.11 -10.45
N ILE B 309 7.30 -12.82 -10.46
CA ILE B 309 8.17 -12.25 -11.48
C ILE B 309 9.50 -13.00 -11.50
N ASN B 310 9.98 -13.39 -10.31
CA ASN B 310 11.34 -13.89 -10.15
C ASN B 310 11.35 -15.42 -10.09
N ASN B 311 10.18 -16.06 -10.23
CA ASN B 311 10.05 -17.51 -10.29
C ASN B 311 10.57 -18.15 -8.99
N ILE B 312 10.19 -17.56 -7.85
CA ILE B 312 10.62 -18.04 -6.55
C ILE B 312 9.41 -18.61 -5.80
N GLN B 313 9.62 -19.72 -5.07
CA GLN B 313 8.60 -20.44 -4.32
C GLN B 313 8.74 -20.06 -2.84
N ASN B 314 9.96 -19.78 -2.40
CA ASN B 314 10.26 -19.72 -0.97
C ASN B 314 10.44 -18.27 -0.51
N ILE B 315 9.57 -17.83 0.41
CA ILE B 315 9.55 -16.41 0.79
C ILE B 315 9.77 -16.32 2.30
N TYR B 316 10.91 -15.73 2.67
CA TYR B 316 11.26 -15.53 4.07
C TYR B 316 10.90 -14.12 4.48
N PHE B 317 10.33 -13.98 5.67
CA PHE B 317 9.96 -12.69 6.23
C PHE B 317 10.94 -12.37 7.35
N GLY B 318 11.62 -11.22 7.22
CA GLY B 318 12.61 -10.76 8.18
C GLY B 318 12.22 -9.39 8.75
N GLY B 319 13.02 -8.92 9.73
CA GLY B 319 12.81 -7.61 10.34
C GLY B 319 12.16 -7.71 11.72
N SER B 320 11.60 -6.61 12.21
CA SER B 320 11.04 -6.58 13.56
CA SER B 320 11.04 -6.50 13.55
C SER B 320 9.52 -6.37 13.49
N TYR B 321 8.89 -6.99 12.48
CA TYR B 321 7.48 -6.77 12.21
C TYR B 321 6.62 -7.88 12.82
N THR B 322 6.91 -9.16 12.54
CA THR B 322 5.96 -10.17 12.97
C THR B 322 6.05 -10.34 14.49
N ARG B 323 7.28 -10.34 15.00
CA ARG B 323 7.60 -10.49 16.41
C ARG B 323 6.97 -11.73 17.02
N GLY B 324 6.81 -12.79 16.23
CA GLY B 324 6.20 -14.02 16.73
C GLY B 324 4.72 -13.92 17.03
N HIS B 325 4.06 -12.81 16.63
CA HIS B 325 2.63 -12.67 16.84
C HIS B 325 1.85 -13.57 15.87
N LEU B 326 0.99 -14.45 16.39
CA LEU B 326 0.31 -15.46 15.56
C LEU B 326 -0.55 -14.78 14.51
N THR B 327 -1.26 -13.71 14.93
CA THR B 327 -2.14 -13.04 14.00
C THR B 327 -1.37 -12.50 12.80
N THR B 328 -0.26 -11.81 13.07
CA THR B 328 0.51 -11.22 11.99
C THR B 328 1.10 -12.30 11.09
N MET B 329 1.65 -13.35 11.70
CA MET B 329 2.22 -14.41 10.90
C MET B 329 1.13 -15.07 10.04
N ASN B 330 -0.05 -15.26 10.65
CA ASN B 330 -1.15 -15.93 9.94
C ASN B 330 -1.54 -15.13 8.70
N THR B 331 -1.63 -13.80 8.86
CA THR B 331 -2.03 -12.89 7.80
C THR B 331 -1.04 -12.94 6.63
N LEU B 332 0.27 -12.88 6.92
CA LEU B 332 1.29 -12.97 5.89
C LEU B 332 1.24 -14.35 5.18
N SER B 333 1.12 -15.43 5.98
CA SER B 333 1.09 -16.79 5.45
C SER B 333 -0.12 -17.00 4.55
N TYR B 334 -1.27 -16.52 5.05
CA TYR B 334 -2.51 -16.56 4.30
C TYR B 334 -2.40 -15.84 2.96
N ALA B 335 -1.90 -14.60 2.98
CA ALA B 335 -1.73 -13.82 1.76
C ALA B 335 -0.91 -14.58 0.69
N ILE B 336 0.23 -15.16 1.09
CA ILE B 336 1.09 -15.93 0.19
C ILE B 336 0.38 -17.21 -0.27
N ASN B 337 -0.26 -17.93 0.66
CA ASN B 337 -0.96 -19.15 0.33
C ASN B 337 -2.12 -18.87 -0.64
N PHE B 338 -2.86 -17.78 -0.41
CA PHE B 338 -4.03 -17.41 -1.20
C PHE B 338 -3.61 -17.07 -2.64
N TRP B 339 -2.73 -16.09 -2.80
CA TRP B 339 -2.40 -15.62 -4.12
C TRP B 339 -1.78 -16.74 -4.95
N SER B 340 -0.97 -17.61 -4.34
CA SER B 340 -0.22 -18.62 -5.07
C SER B 340 -1.04 -19.90 -5.25
N GLN B 341 -2.28 -19.89 -4.74
CA GLN B 341 -3.04 -21.12 -4.66
C GLN B 341 -2.20 -22.27 -4.10
N GLY B 342 -1.43 -21.98 -3.03
CA GLY B 342 -0.68 -23.01 -2.31
C GLY B 342 0.67 -23.34 -2.93
N SER B 343 1.02 -22.72 -4.07
CA SER B 343 2.29 -23.07 -4.68
C SER B 343 3.46 -22.25 -4.14
N LYS B 344 3.24 -21.28 -3.25
CA LYS B 344 4.37 -20.58 -2.65
C LYS B 344 4.23 -20.70 -1.14
N GLN B 345 5.33 -20.52 -0.40
CA GLN B 345 5.36 -20.72 1.05
C GLN B 345 5.98 -19.53 1.77
N ALA B 346 5.31 -19.03 2.80
CA ALA B 346 5.89 -18.08 3.73
C ALA B 346 6.72 -18.79 4.82
N PHE B 347 7.95 -18.35 5.05
CA PHE B 347 8.78 -18.81 6.18
C PHE B 347 9.03 -17.68 7.17
N PHE B 348 9.09 -18.04 8.46
CA PHE B 348 9.39 -17.05 9.49
C PHE B 348 10.71 -17.44 10.16
N LEU B 349 11.26 -16.51 10.97
CA LEU B 349 12.54 -16.76 11.60
C LEU B 349 12.50 -16.38 13.09
N LYS B 350 12.98 -17.28 13.93
CA LYS B 350 13.04 -17.04 15.37
C LYS B 350 13.89 -15.80 15.65
N HIS B 351 14.93 -15.55 14.84
CA HIS B 351 15.81 -14.39 15.04
C HIS B 351 15.66 -13.39 13.90
N GLU B 352 14.40 -13.12 13.50
CA GLU B 352 14.05 -12.34 12.33
C GLU B 352 14.66 -10.93 12.39
N GLY B 353 14.76 -10.32 13.58
CA GLY B 353 15.25 -8.94 13.66
C GLY B 353 16.76 -8.78 13.61
N TYR B 354 17.49 -9.90 13.65
CA TYR B 354 18.94 -9.85 13.80
C TYR B 354 19.71 -10.31 12.56
N LEU B 355 18.99 -10.48 11.42
CA LEU B 355 19.66 -10.95 10.22
C LEU B 355 20.88 -10.09 9.90
N GLY B 356 20.72 -8.77 9.90
CA GLY B 356 21.73 -7.83 9.44
C GLY B 356 22.90 -7.77 10.43
N ALA B 357 22.60 -7.78 11.74
CA ALA B 357 23.64 -7.74 12.75
C ALA B 357 24.41 -9.06 12.73
N MET B 358 23.71 -10.18 12.57
CA MET B 358 24.34 -11.49 12.45
C MET B 358 25.31 -11.52 11.26
N GLY B 359 24.87 -11.04 10.09
CA GLY B 359 25.76 -11.01 8.94
C GLY B 359 27.02 -10.16 9.22
N ALA B 360 26.83 -9.00 9.83
CA ALA B 360 27.92 -8.11 10.20
C ALA B 360 28.89 -8.80 11.17
N PHE B 361 28.34 -9.41 12.22
CA PHE B 361 29.13 -10.18 13.16
C PHE B 361 30.05 -11.18 12.42
N LEU B 362 29.49 -11.93 11.46
CA LEU B 362 30.25 -12.97 10.77
C LEU B 362 31.31 -12.34 9.86
N SER B 363 31.08 -11.11 9.41
CA SER B 363 32.04 -10.43 8.56
C SER B 363 33.34 -10.15 9.31
N ALA B 364 33.30 -10.07 10.65
CA ALA B 364 34.54 -9.75 11.35
C ALA B 364 35.53 -10.92 11.29
N SER B 365 35.06 -12.11 10.92
CA SER B 365 35.92 -13.29 11.03
C SER B 365 35.09 -14.56 10.80
C7 E66 C . 13.08 0.41 2.53
C30 E66 C . 13.64 2.04 0.86
C6 E66 C . 14.36 0.49 3.03
C31 E66 C . 14.93 2.12 1.39
C8 E66 C . 12.71 1.18 1.45
C5 E66 C . 15.31 1.36 2.49
C11 E66 C . 11.08 1.95 -1.18
C28 E66 C . 11.76 0.99 -2.98
C18 E66 C . 11.55 1.89 -5.58
C14 E66 C . 11.06 2.68 -4.60
C19 E66 C . 12.15 0.59 -5.16
C22 E66 C . 13.05 -0.50 -8.69
C26 E66 C . 14.84 0.44 -7.29
C23 E66 C . 13.62 0.22 -9.91
C25 E66 C . 15.32 1.15 -8.55
C1 E66 C . 17.48 0.19 2.51
C3 E66 C . 16.77 1.15 4.61
C4 E66 C . 17.48 2.66 2.81
C16 E66 C . 9.29 4.39 -3.95
C17 E66 C . 10.67 4.96 -5.78
C9 E66 C . 11.29 1.03 0.98
C20 E66 C . 12.70 -0.34 -6.24
C2 E66 C . 16.73 1.38 3.10
N29 E66 C . 11.70 0.83 -1.67
N12 E66 C . 10.77 2.79 -2.15
N27 E66 C . 12.26 0.17 -3.93
N13 E66 C . 11.17 2.19 -3.29
N10 E66 C . 10.87 2.13 0.15
N15 E66 C . 10.44 3.97 -4.74
N21 E66 C . 13.37 0.26 -7.44
O24 E66 C . 15.02 0.44 -9.76
#